data_1V4N
#
_entry.id   1V4N
#
_cell.length_a   79.869
_cell.length_b   142.888
_cell.length_c   169.564
_cell.angle_alpha   90.00
_cell.angle_beta   90.00
_cell.angle_gamma   90.00
#
_symmetry.space_group_name_H-M   'C 2 2 21'
#
loop_
_entity.id
_entity.type
_entity.pdbx_description
1 polymer "271aa long hypothetical 5'-methylthioadenosine phosphorylase"
2 water water
#
_entity_poly.entity_id   1
_entity_poly.type   'polypeptide(L)'
_entity_poly.pdbx_seq_one_letter_code
;MMIEPKEKASIGIIGGSGLYDPQILTNVKEIKVYTPYGEPSDNIILGELEGRKVAFLPRHGRGHRIPPHKINYRANIWAL
KSLGVKWVIAVSAVGSLRLDYKPGDFVVPNQFIDMTKGRTYTFFDGPTVAHVSMADPFCEHLRSIILDSAKDLGITTHDK
GTYICIEGPRFSTRAESIVWKEVFKADIIGMTLVPEVNLACEAEMCYSVIGMVTDYDVFADIPVTAEEVTKVMAENTAKV
KKLLYEVIRRLPEKPDERKCSCCQALKTALVLEHHHHHHHH
;
_entity_poly.pdbx_strand_id   A,B,C
#
# COMPACT_ATOMS: atom_id res chain seq x y z
N GLU A 7 23.49 -30.41 7.57
CA GLU A 7 22.70 -29.57 8.54
C GLU A 7 23.27 -28.12 8.64
N LYS A 8 24.16 -27.78 7.71
CA LYS A 8 24.77 -26.47 7.64
C LYS A 8 24.94 -26.13 6.16
N ALA A 9 24.93 -24.85 5.80
CA ALA A 9 25.15 -24.46 4.41
C ALA A 9 25.59 -23.00 4.44
N SER A 10 26.40 -22.59 3.48
CA SER A 10 26.83 -21.20 3.51
C SER A 10 26.18 -20.45 2.37
N ILE A 11 25.66 -21.18 1.40
CA ILE A 11 25.04 -20.60 0.22
C ILE A 11 23.59 -21.07 0.21
N GLY A 12 22.69 -20.13 -0.02
CA GLY A 12 21.28 -20.41 -0.11
C GLY A 12 20.82 -19.98 -1.51
N ILE A 13 20.06 -20.84 -2.19
CA ILE A 13 19.52 -20.60 -3.52
C ILE A 13 18.01 -20.54 -3.36
N ILE A 14 17.40 -19.39 -3.68
CA ILE A 14 15.96 -19.31 -3.60
C ILE A 14 15.43 -19.12 -5.02
N GLY A 15 14.73 -20.10 -5.54
CA GLY A 15 14.23 -19.93 -6.87
C GLY A 15 13.04 -20.76 -7.17
N GLY A 16 13.10 -21.38 -8.34
CA GLY A 16 12.04 -22.26 -8.78
C GLY A 16 12.55 -23.67 -8.57
N SER A 17 11.67 -24.62 -8.77
CA SER A 17 12.05 -26.01 -8.61
C SER A 17 12.87 -26.38 -9.83
N GLY A 18 13.66 -27.43 -9.67
CA GLY A 18 14.45 -27.87 -10.80
C GLY A 18 15.77 -27.16 -10.95
N LEU A 19 15.96 -26.06 -10.24
CA LEU A 19 17.25 -25.36 -10.26
C LEU A 19 18.15 -26.37 -9.56
N TYR A 20 17.52 -27.27 -8.82
CA TYR A 20 18.27 -28.29 -8.16
C TYR A 20 18.78 -29.29 -9.21
N ASP A 21 20.09 -29.36 -9.34
CA ASP A 21 20.74 -30.26 -10.28
C ASP A 21 21.32 -31.38 -9.43
N PRO A 22 20.65 -32.55 -9.41
CA PRO A 22 21.02 -33.78 -8.67
C PRO A 22 22.25 -34.52 -9.21
N GLN A 23 22.73 -34.12 -10.38
CA GLN A 23 23.87 -34.79 -10.97
C GLN A 23 25.16 -33.99 -10.93
N ILE A 24 25.17 -32.94 -10.10
CA ILE A 24 26.34 -32.07 -9.97
C ILE A 24 26.50 -31.63 -8.50
N LEU A 25 25.54 -32.04 -7.66
CA LEU A 25 25.50 -31.72 -6.22
C LEU A 25 25.71 -33.03 -5.46
N THR A 26 26.67 -33.03 -4.58
CA THR A 26 26.90 -34.24 -3.88
C THR A 26 26.11 -34.71 -2.69
N ASN A 27 26.40 -34.21 -1.52
CA ASN A 27 25.59 -34.79 -0.51
C ASN A 27 24.11 -34.43 -0.42
N VAL A 28 23.33 -34.74 -1.46
CA VAL A 28 21.95 -34.38 -1.39
C VAL A 28 21.39 -34.75 -0.02
N LYS A 29 20.31 -34.10 0.38
CA LYS A 29 19.69 -34.38 1.67
C LYS A 29 18.49 -33.45 1.77
N GLU A 30 17.39 -33.98 2.24
CA GLU A 30 16.23 -33.15 2.38
C GLU A 30 15.95 -32.96 3.86
N ILE A 31 15.71 -31.72 4.28
CA ILE A 31 15.42 -31.46 5.68
C ILE A 31 14.25 -30.54 5.86
N LYS A 32 13.63 -30.65 7.01
CA LYS A 32 12.48 -29.82 7.28
C LYS A 32 12.89 -28.97 8.44
N VAL A 33 12.74 -27.65 8.35
CA VAL A 33 13.12 -26.86 9.52
C VAL A 33 12.02 -26.04 10.11
N TYR A 34 11.86 -26.13 11.42
CA TYR A 34 10.83 -25.40 12.11
C TYR A 34 11.41 -24.05 12.53
N THR A 35 10.59 -23.03 12.38
CA THR A 35 11.02 -21.68 12.68
C THR A 35 10.00 -21.03 13.58
N PRO A 36 10.37 -19.89 14.21
CA PRO A 36 9.48 -19.17 15.09
C PRO A 36 8.30 -18.56 14.26
N TYR A 37 8.35 -18.68 12.93
CA TYR A 37 7.32 -18.16 12.05
C TYR A 37 6.50 -19.20 11.32
N GLY A 38 6.64 -20.47 11.70
CA GLY A 38 5.87 -21.46 10.98
C GLY A 38 6.80 -22.14 10.02
N GLU A 39 6.26 -22.71 8.99
CA GLU A 39 7.15 -23.40 8.09
C GLU A 39 7.47 -22.77 6.77
N PRO A 40 8.71 -22.99 6.30
CA PRO A 40 9.26 -22.52 5.03
C PRO A 40 8.35 -23.00 3.86
N SER A 41 8.55 -22.43 2.68
CA SER A 41 7.73 -22.82 1.54
C SER A 41 7.81 -24.34 1.29
N ASP A 42 8.91 -24.97 1.69
CA ASP A 42 9.08 -26.40 1.45
C ASP A 42 10.24 -26.91 2.28
N ASN A 43 10.54 -28.20 2.15
CA ASN A 43 11.68 -28.75 2.85
C ASN A 43 12.87 -28.20 2.08
N ILE A 44 13.96 -28.04 2.80
CA ILE A 44 15.12 -27.52 2.19
C ILE A 44 16.01 -28.65 1.68
N ILE A 45 16.58 -28.41 0.50
CA ILE A 45 17.46 -29.41 -0.07
C ILE A 45 18.90 -28.96 0.07
N LEU A 46 19.63 -29.75 0.82
CA LEU A 46 21.04 -29.53 1.11
C LEU A 46 21.84 -30.36 0.12
N GLY A 47 22.91 -29.79 -0.40
CA GLY A 47 23.73 -30.49 -1.36
C GLY A 47 25.12 -29.89 -1.31
N GLU A 48 26.05 -30.53 -2.01
CA GLU A 48 27.42 -30.04 -2.06
C GLU A 48 27.80 -29.86 -3.49
N LEU A 49 28.58 -28.81 -3.72
CA LEU A 49 29.04 -28.47 -5.05
C LEU A 49 30.45 -28.00 -4.84
N GLU A 50 31.38 -28.81 -5.31
CA GLU A 50 32.79 -28.50 -5.19
C GLU A 50 33.16 -28.15 -3.75
N GLY A 51 32.69 -28.98 -2.82
CA GLY A 51 33.02 -28.74 -1.42
C GLY A 51 32.31 -27.53 -0.84
N ARG A 52 31.34 -27.01 -1.58
CA ARG A 52 30.60 -25.87 -1.06
C ARG A 52 29.24 -26.40 -0.62
N LYS A 53 28.86 -26.10 0.61
CA LYS A 53 27.57 -26.56 1.16
C LYS A 53 26.47 -25.56 0.74
N VAL A 54 25.52 -26.07 -0.04
CA VAL A 54 24.42 -25.27 -0.59
C VAL A 54 23.03 -25.69 -0.12
N ALA A 55 22.14 -24.73 0.07
CA ALA A 55 20.77 -25.05 0.46
C ALA A 55 19.81 -24.51 -0.59
N PHE A 56 18.90 -25.32 -1.11
CA PHE A 56 17.92 -24.88 -2.10
C PHE A 56 16.57 -24.78 -1.46
N LEU A 57 15.89 -23.67 -1.66
CA LEU A 57 14.57 -23.45 -1.12
C LEU A 57 13.66 -22.81 -2.17
N PRO A 58 12.80 -23.59 -2.82
CA PRO A 58 11.89 -23.03 -3.84
C PRO A 58 10.82 -22.17 -3.11
N ARG A 59 10.87 -20.85 -3.31
CA ARG A 59 9.93 -19.96 -2.60
C ARG A 59 8.43 -20.25 -2.84
N HIS A 60 8.08 -20.86 -3.97
CA HIS A 60 6.69 -21.16 -4.17
C HIS A 60 6.36 -22.59 -3.75
N GLY A 61 7.33 -23.30 -3.18
CA GLY A 61 7.07 -24.71 -2.86
C GLY A 61 7.30 -25.56 -4.14
N ARG A 62 7.60 -26.85 -3.99
CA ARG A 62 7.90 -27.67 -5.18
C ARG A 62 6.89 -27.72 -6.31
N GLY A 63 5.60 -27.74 -6.00
CA GLY A 63 4.64 -27.75 -7.11
C GLY A 63 4.06 -26.37 -7.41
N HIS A 64 4.79 -25.33 -7.01
CA HIS A 64 4.31 -23.98 -7.19
C HIS A 64 2.86 -23.81 -6.70
N ARG A 65 2.64 -24.06 -5.43
CA ARG A 65 1.33 -24.00 -4.86
C ARG A 65 1.11 -22.74 -4.03
N ILE A 66 2.17 -22.00 -3.75
CA ILE A 66 2.04 -20.82 -2.90
C ILE A 66 2.23 -19.55 -3.72
N PRO A 67 1.20 -18.69 -3.80
CA PRO A 67 1.37 -17.47 -4.60
C PRO A 67 2.24 -16.49 -3.81
N PRO A 68 2.78 -15.47 -4.50
CA PRO A 68 3.65 -14.41 -3.95
C PRO A 68 3.13 -13.79 -2.65
N HIS A 69 1.86 -13.46 -2.60
CA HIS A 69 1.37 -12.81 -1.36
C HIS A 69 1.18 -13.78 -0.18
N LYS A 70 1.35 -15.09 -0.39
CA LYS A 70 1.18 -16.02 0.73
C LYS A 70 2.44 -16.66 1.19
N ILE A 71 3.55 -16.35 0.53
CA ILE A 71 4.83 -16.93 0.91
C ILE A 71 5.24 -16.54 2.33
N ASN A 72 5.65 -17.52 3.11
CA ASN A 72 6.11 -17.24 4.46
C ASN A 72 7.60 -16.83 4.36
N TYR A 73 7.78 -15.55 4.02
CA TYR A 73 9.10 -15.00 3.80
C TYR A 73 9.96 -15.03 5.05
N ARG A 74 9.35 -14.86 6.22
CA ARG A 74 10.11 -14.83 7.46
C ARG A 74 10.63 -16.21 7.77
N ALA A 75 9.80 -17.21 7.55
CA ALA A 75 10.24 -18.55 7.81
C ALA A 75 11.38 -18.90 6.82
N ASN A 76 11.21 -18.62 5.53
CA ASN A 76 12.24 -18.95 4.58
C ASN A 76 13.59 -18.33 4.92
N ILE A 77 13.61 -17.03 5.17
CA ILE A 77 14.88 -16.37 5.43
C ILE A 77 15.45 -16.83 6.76
N TRP A 78 14.59 -16.98 7.77
CA TRP A 78 15.03 -17.45 9.11
C TRP A 78 15.63 -18.88 8.99
N ALA A 79 14.98 -19.72 8.18
CA ALA A 79 15.45 -21.07 8.08
C ALA A 79 16.84 -21.07 7.48
N LEU A 80 17.01 -20.29 6.40
CA LEU A 80 18.30 -20.24 5.77
C LEU A 80 19.33 -19.70 6.74
N LYS A 81 19.00 -18.65 7.44
CA LYS A 81 19.93 -18.12 8.38
C LYS A 81 20.30 -19.18 9.45
N SER A 82 19.33 -19.94 9.99
CA SER A 82 19.63 -20.91 11.03
C SER A 82 20.60 -22.00 10.58
N LEU A 83 20.67 -22.23 9.26
CA LEU A 83 21.60 -23.19 8.65
C LEU A 83 23.01 -22.60 8.46
N GLY A 84 23.15 -21.30 8.75
CA GLY A 84 24.41 -20.60 8.56
C GLY A 84 24.61 -19.98 7.17
N VAL A 85 23.54 -19.77 6.42
CA VAL A 85 23.73 -19.25 5.08
C VAL A 85 24.20 -17.83 5.13
N LYS A 86 25.19 -17.52 4.29
CA LYS A 86 25.76 -16.18 4.18
C LYS A 86 25.48 -15.56 2.83
N TRP A 87 25.46 -16.37 1.79
CA TRP A 87 25.21 -15.87 0.45
C TRP A 87 23.85 -16.35 0.07
N VAL A 88 22.99 -15.47 -0.44
CA VAL A 88 21.70 -15.93 -0.91
C VAL A 88 21.56 -15.45 -2.37
N ILE A 89 21.34 -16.41 -3.26
CA ILE A 89 21.17 -16.08 -4.65
C ILE A 89 19.71 -16.36 -4.87
N ALA A 90 18.98 -15.31 -5.24
CA ALA A 90 17.57 -15.40 -5.48
C ALA A 90 17.37 -15.33 -6.97
N VAL A 91 16.57 -16.26 -7.49
CA VAL A 91 16.31 -16.31 -8.92
C VAL A 91 14.85 -16.07 -9.08
N SER A 92 14.51 -15.20 -10.02
CA SER A 92 13.09 -14.82 -10.19
C SER A 92 12.71 -14.48 -11.64
N ALA A 93 11.56 -14.97 -12.09
CA ALA A 93 11.10 -14.60 -13.43
C ALA A 93 10.63 -13.13 -13.30
N VAL A 94 10.91 -12.29 -14.30
CA VAL A 94 10.50 -10.86 -14.25
C VAL A 94 9.98 -10.35 -15.59
N GLY A 95 9.12 -9.33 -15.53
CA GLY A 95 8.65 -8.71 -16.76
C GLY A 95 9.58 -7.51 -17.03
N SER A 96 9.72 -7.14 -18.30
CA SER A 96 10.59 -6.01 -18.67
C SER A 96 9.74 -4.79 -18.97
N LEU A 97 10.23 -3.62 -18.56
CA LEU A 97 9.56 -2.33 -18.79
C LEU A 97 10.32 -1.43 -19.79
N ARG A 98 11.23 -2.01 -20.54
CA ARG A 98 12.02 -1.24 -21.51
C ARG A 98 12.40 -2.18 -22.67
N LEU A 99 12.18 -1.72 -23.90
CA LEU A 99 12.40 -2.58 -25.08
C LEU A 99 13.79 -3.21 -25.18
N ASP A 100 14.83 -2.52 -24.67
CA ASP A 100 16.19 -3.11 -24.70
C ASP A 100 16.44 -4.20 -23.64
N TYR A 101 15.53 -4.40 -22.66
CA TYR A 101 15.71 -5.55 -21.75
C TYR A 101 14.74 -6.54 -22.41
N LYS A 102 15.27 -7.56 -23.10
CA LYS A 102 14.41 -8.51 -23.82
C LYS A 102 14.17 -9.83 -23.18
N PRO A 103 13.05 -10.47 -23.55
CA PRO A 103 12.73 -11.80 -23.00
C PRO A 103 13.98 -12.67 -23.30
N GLY A 104 14.39 -13.47 -22.33
CA GLY A 104 15.57 -14.29 -22.53
C GLY A 104 16.76 -13.64 -21.86
N ASP A 105 16.80 -12.30 -21.78
CA ASP A 105 17.89 -11.59 -21.13
C ASP A 105 17.84 -11.78 -19.60
N PHE A 106 19.01 -11.69 -18.97
CA PHE A 106 19.04 -11.75 -17.52
C PHE A 106 19.28 -10.31 -17.01
N VAL A 107 19.00 -10.09 -15.74
CA VAL A 107 19.20 -8.78 -15.13
C VAL A 107 19.54 -9.02 -13.69
N VAL A 108 20.55 -8.28 -13.25
CA VAL A 108 21.03 -8.31 -11.91
C VAL A 108 20.74 -6.89 -11.45
N PRO A 109 19.55 -6.68 -10.92
CA PRO A 109 19.20 -5.33 -10.47
C PRO A 109 20.07 -4.84 -9.36
N ASN A 110 20.16 -3.52 -9.26
CA ASN A 110 20.89 -2.88 -8.16
C ASN A 110 19.93 -2.05 -7.27
N GLN A 111 18.65 -1.94 -7.67
CA GLN A 111 17.70 -1.15 -6.88
C GLN A 111 16.29 -1.75 -6.97
N PHE A 112 15.40 -1.35 -6.07
CA PHE A 112 14.03 -1.81 -6.19
C PHE A 112 13.12 -0.70 -5.70
N ILE A 113 11.84 -0.80 -6.05
CA ILE A 113 10.78 0.11 -5.57
C ILE A 113 9.66 -0.82 -5.14
N ASP A 114 9.27 -0.69 -3.89
CA ASP A 114 8.24 -1.54 -3.31
C ASP A 114 6.82 -0.99 -3.46
N MET A 115 6.00 -1.69 -4.24
CA MET A 115 4.63 -1.28 -4.36
C MET A 115 3.72 -2.40 -3.83
N THR A 116 4.22 -3.27 -2.96
CA THR A 116 3.40 -4.32 -2.38
C THR A 116 2.46 -3.67 -1.32
N LYS A 117 1.44 -4.39 -0.91
CA LYS A 117 0.50 -3.82 0.03
C LYS A 117 0.22 -4.56 1.35
N GLY A 118 0.14 -5.87 1.41
CA GLY A 118 -0.19 -6.29 2.80
C GLY A 118 0.65 -7.35 3.46
N ARG A 119 1.93 -7.32 3.16
CA ARG A 119 2.90 -8.29 3.64
C ARG A 119 3.51 -7.92 4.99
N THR A 120 4.38 -8.80 5.50
CA THR A 120 5.09 -8.52 6.74
C THR A 120 6.45 -8.14 6.27
N TYR A 121 6.89 -6.95 6.61
CA TYR A 121 8.13 -6.44 6.07
C TYR A 121 9.37 -6.60 6.88
N THR A 122 9.26 -7.14 8.07
CA THR A 122 10.46 -7.14 8.93
C THR A 122 10.42 -8.27 10.02
N PHE A 123 11.60 -8.61 10.56
CA PHE A 123 11.63 -9.54 11.68
C PHE A 123 11.42 -8.72 12.98
N PHE A 124 11.60 -7.39 12.91
CA PHE A 124 11.50 -6.55 14.11
C PHE A 124 10.20 -5.85 14.44
N ASP A 125 9.35 -6.55 15.16
CA ASP A 125 8.06 -6.02 15.55
C ASP A 125 8.04 -5.46 16.94
N GLY A 126 9.20 -5.46 17.60
CA GLY A 126 9.26 -5.01 18.99
C GLY A 126 9.51 -6.27 19.84
N PRO A 127 10.10 -6.15 21.05
CA PRO A 127 10.55 -4.88 21.67
C PRO A 127 11.84 -4.27 21.21
N THR A 128 12.54 -4.96 20.34
CA THR A 128 13.79 -4.39 19.82
C THR A 128 13.38 -3.72 18.50
N VAL A 129 13.60 -2.42 18.37
CA VAL A 129 13.23 -1.74 17.14
C VAL A 129 14.46 -1.58 16.29
N ALA A 130 14.37 -1.94 15.03
CA ALA A 130 15.47 -1.76 14.11
C ALA A 130 15.00 -1.17 12.76
N HIS A 131 15.85 -0.33 12.21
CA HIS A 131 15.60 0.36 10.95
C HIS A 131 16.84 0.16 10.07
N VAL A 132 16.84 -0.94 9.34
CA VAL A 132 17.96 -1.24 8.49
C VAL A 132 18.07 -0.30 7.30
N SER A 133 19.30 0.11 7.01
CA SER A 133 19.54 1.00 5.85
C SER A 133 19.53 0.15 4.55
N MET A 134 18.90 0.63 3.48
CA MET A 134 18.85 -0.17 2.26
C MET A 134 18.99 0.67 0.98
N ALA A 135 19.77 1.73 1.13
CA ALA A 135 20.05 2.68 0.09
C ALA A 135 20.54 1.85 -1.11
N ASP A 136 21.44 0.89 -0.86
CA ASP A 136 21.94 -0.03 -1.89
C ASP A 136 21.51 -1.33 -1.30
N PRO A 137 20.29 -1.76 -1.65
CA PRO A 137 19.67 -2.96 -1.14
C PRO A 137 20.32 -4.28 -1.42
N PHE A 138 21.11 -4.39 -2.48
CA PHE A 138 21.70 -5.68 -2.77
C PHE A 138 23.17 -5.83 -2.40
N CYS A 139 23.63 -7.06 -2.38
CA CYS A 139 25.01 -7.29 -2.04
C CYS A 139 25.94 -7.16 -3.29
N GLU A 140 26.72 -6.08 -3.31
CA GLU A 140 27.62 -5.80 -4.41
C GLU A 140 28.62 -6.94 -4.69
N HIS A 141 29.14 -7.58 -3.63
CA HIS A 141 30.07 -8.69 -3.81
C HIS A 141 29.43 -9.76 -4.69
N LEU A 142 28.24 -10.20 -4.30
CA LEU A 142 27.57 -11.23 -5.03
C LEU A 142 27.12 -10.73 -6.41
N ARG A 143 26.72 -9.48 -6.51
CA ARG A 143 26.34 -8.95 -7.80
C ARG A 143 27.54 -9.04 -8.77
N SER A 144 28.71 -8.61 -8.34
CA SER A 144 29.80 -8.68 -9.31
C SER A 144 30.27 -10.08 -9.66
N ILE A 145 30.17 -11.03 -8.74
CA ILE A 145 30.55 -12.37 -9.12
C ILE A 145 29.55 -12.94 -10.13
N ILE A 146 28.28 -12.67 -9.93
CA ILE A 146 27.27 -13.14 -10.84
C ILE A 146 27.55 -12.53 -12.21
N LEU A 147 27.81 -11.23 -12.24
CA LEU A 147 28.06 -10.56 -13.50
C LEU A 147 29.32 -11.06 -14.18
N ASP A 148 30.38 -11.31 -13.40
CA ASP A 148 31.64 -11.83 -13.93
C ASP A 148 31.39 -13.19 -14.58
N SER A 149 30.67 -14.03 -13.85
CA SER A 149 30.33 -15.36 -14.35
C SER A 149 29.47 -15.29 -15.58
N ALA A 150 28.50 -14.38 -15.59
CA ALA A 150 27.62 -14.29 -16.76
C ALA A 150 28.42 -13.93 -18.02
N LYS A 151 29.37 -13.00 -17.85
CA LYS A 151 30.22 -12.54 -18.94
C LYS A 151 31.11 -13.70 -19.47
N ASP A 152 31.67 -14.49 -18.55
CA ASP A 152 32.53 -15.54 -19.02
C ASP A 152 31.69 -16.57 -19.72
N LEU A 153 30.45 -16.78 -19.26
CA LEU A 153 29.61 -17.78 -19.90
C LEU A 153 28.95 -17.25 -21.14
N GLY A 154 29.11 -15.96 -21.43
CA GLY A 154 28.48 -15.42 -22.63
C GLY A 154 26.96 -15.26 -22.55
N ILE A 155 26.43 -15.09 -21.36
CA ILE A 155 25.00 -14.94 -21.21
C ILE A 155 24.65 -13.43 -21.12
N THR A 156 23.83 -12.94 -22.03
CA THR A 156 23.36 -11.56 -21.99
C THR A 156 22.72 -11.25 -20.62
N THR A 157 23.30 -10.27 -19.95
CA THR A 157 22.88 -9.93 -18.59
C THR A 157 23.10 -8.43 -18.43
N HIS A 158 22.02 -7.72 -18.13
CA HIS A 158 22.13 -6.29 -17.88
C HIS A 158 22.73 -6.15 -16.50
N ASP A 159 23.59 -5.16 -16.37
CA ASP A 159 24.28 -5.05 -15.09
C ASP A 159 23.75 -4.10 -14.04
N LYS A 160 22.51 -3.70 -14.17
CA LYS A 160 21.91 -2.78 -13.23
C LYS A 160 20.43 -2.80 -13.57
N GLY A 161 19.60 -2.15 -12.76
CA GLY A 161 18.18 -2.14 -13.03
C GLY A 161 17.40 -1.98 -11.74
N THR A 162 16.25 -1.34 -11.87
CA THR A 162 15.38 -1.10 -10.75
C THR A 162 14.19 -2.05 -10.92
N TYR A 163 14.00 -2.85 -9.90
CA TYR A 163 12.95 -3.85 -9.89
C TYR A 163 11.72 -3.28 -9.16
N ILE A 164 10.59 -3.20 -9.83
CA ILE A 164 9.45 -2.67 -9.09
C ILE A 164 8.64 -3.89 -8.68
N CYS A 165 8.43 -4.03 -7.37
CA CYS A 165 7.69 -5.15 -6.84
C CYS A 165 6.23 -4.77 -6.55
N ILE A 166 5.31 -5.40 -7.29
CA ILE A 166 3.86 -5.17 -7.12
C ILE A 166 3.25 -6.29 -6.29
N GLU A 167 2.06 -6.03 -5.74
CA GLU A 167 1.40 -6.99 -4.89
C GLU A 167 0.90 -8.29 -5.53
N GLY A 168 0.33 -8.18 -6.73
CA GLY A 168 -0.22 -9.31 -7.42
C GLY A 168 -1.41 -9.83 -6.60
N PRO A 169 -1.90 -11.03 -6.91
CA PRO A 169 -1.35 -11.86 -7.99
C PRO A 169 -1.70 -11.42 -9.37
N ARG A 170 -2.75 -10.63 -9.55
CA ARG A 170 -3.09 -10.19 -10.90
C ARG A 170 -1.91 -9.37 -11.53
N PHE A 171 -1.83 -9.33 -12.85
CA PHE A 171 -0.82 -8.55 -13.51
C PHE A 171 -1.26 -7.12 -13.60
N SER A 172 -0.30 -6.25 -13.83
CA SER A 172 -0.56 -4.83 -13.99
C SER A 172 -1.54 -4.47 -15.11
N THR A 173 -2.20 -3.40 -14.84
CA THR A 173 -3.10 -2.75 -15.72
C THR A 173 -2.16 -1.93 -16.67
N ARG A 174 -2.62 -1.65 -17.90
CA ARG A 174 -1.82 -0.81 -18.80
C ARG A 174 -1.53 0.59 -18.22
N ALA A 175 -2.48 1.22 -17.55
CA ALA A 175 -2.14 2.52 -16.96
C ALA A 175 -1.05 2.36 -15.86
N GLU A 176 -1.13 1.27 -15.07
CA GLU A 176 -0.16 1.03 -14.00
C GLU A 176 1.25 0.85 -14.57
N SER A 177 1.30 0.04 -15.61
CA SER A 177 2.53 -0.27 -16.27
C SER A 177 3.16 1.00 -16.89
N ILE A 178 2.36 1.89 -17.52
CA ILE A 178 2.88 3.10 -18.07
C ILE A 178 3.51 3.86 -16.87
N VAL A 179 2.83 3.83 -15.73
CA VAL A 179 3.33 4.60 -14.59
C VAL A 179 4.63 4.02 -14.04
N TRP A 180 4.71 2.69 -13.99
CA TRP A 180 5.90 2.07 -13.45
C TRP A 180 7.05 2.47 -14.34
N LYS A 181 6.82 2.38 -15.64
CA LYS A 181 7.86 2.72 -16.57
C LYS A 181 8.19 4.23 -16.67
N GLU A 182 7.22 5.03 -17.14
CA GLU A 182 7.45 6.45 -17.35
C GLU A 182 7.61 7.31 -16.11
N VAL A 183 6.93 6.96 -15.04
CA VAL A 183 7.00 7.76 -13.88
C VAL A 183 7.97 7.31 -12.83
N PHE A 184 7.85 6.06 -12.43
CA PHE A 184 8.74 5.53 -11.43
C PHE A 184 10.07 5.15 -12.07
N LYS A 185 10.08 5.04 -13.39
CA LYS A 185 11.30 4.70 -14.09
C LYS A 185 11.90 3.37 -13.71
N ALA A 186 11.04 2.42 -13.39
CA ALA A 186 11.47 1.08 -13.03
C ALA A 186 11.90 0.39 -14.36
N ASP A 187 12.72 -0.67 -14.28
CA ASP A 187 13.23 -1.37 -15.46
C ASP A 187 12.64 -2.75 -15.59
N ILE A 188 12.44 -3.40 -14.47
CA ILE A 188 11.84 -4.72 -14.46
C ILE A 188 10.80 -4.81 -13.36
N ILE A 189 9.90 -5.79 -13.48
CA ILE A 189 8.79 -5.94 -12.56
C ILE A 189 8.50 -7.38 -12.14
N GLY A 190 8.20 -7.56 -10.84
CA GLY A 190 7.93 -8.88 -10.27
C GLY A 190 7.09 -8.75 -8.99
N MET A 191 6.89 -9.87 -8.31
CA MET A 191 6.00 -9.93 -7.15
C MET A 191 6.55 -10.54 -5.89
N THR A 192 7.75 -11.11 -5.97
CA THR A 192 8.29 -11.80 -4.80
C THR A 192 9.51 -11.19 -4.16
N LEU A 193 10.11 -10.16 -4.74
CA LEU A 193 11.35 -9.56 -4.19
C LEU A 193 11.20 -9.05 -2.73
N VAL A 194 10.12 -8.31 -2.50
CA VAL A 194 9.84 -7.72 -1.22
C VAL A 194 8.75 -8.57 -0.57
N PRO A 195 8.91 -8.91 0.70
CA PRO A 195 9.93 -8.63 1.70
C PRO A 195 11.14 -9.58 1.73
N GLU A 196 11.25 -10.47 0.77
CA GLU A 196 12.40 -11.38 0.78
C GLU A 196 13.72 -10.61 0.99
N VAL A 197 13.93 -9.58 0.17
CA VAL A 197 15.14 -8.78 0.24
C VAL A 197 15.27 -8.02 1.56
N ASN A 198 14.18 -7.48 2.10
CA ASN A 198 14.23 -6.78 3.41
C ASN A 198 14.75 -7.77 4.50
N LEU A 199 14.09 -8.91 4.55
CA LEU A 199 14.40 -9.90 5.56
C LEU A 199 15.83 -10.40 5.45
N ALA A 200 16.30 -10.64 4.22
CA ALA A 200 17.66 -11.13 4.04
C ALA A 200 18.65 -10.08 4.56
N CYS A 201 18.31 -8.81 4.37
CA CYS A 201 19.17 -7.76 4.81
C CYS A 201 19.20 -7.68 6.34
N GLU A 202 18.02 -7.75 6.95
CA GLU A 202 17.92 -7.69 8.39
C GLU A 202 18.60 -8.94 9.01
N ALA A 203 18.70 -10.03 8.27
CA ALA A 203 19.35 -11.24 8.79
C ALA A 203 20.85 -11.15 8.49
N GLU A 204 21.26 -10.01 7.93
CA GLU A 204 22.66 -9.74 7.59
C GLU A 204 23.28 -10.67 6.57
N MET A 205 22.47 -11.12 5.64
CA MET A 205 22.92 -11.98 4.59
C MET A 205 23.33 -11.12 3.39
N CYS A 206 24.19 -11.65 2.51
CA CYS A 206 24.67 -10.98 1.29
C CYS A 206 23.73 -11.56 0.23
N TYR A 207 22.74 -10.80 -0.18
CA TYR A 207 21.67 -11.28 -1.07
C TYR A 207 21.60 -10.54 -2.38
N SER A 208 21.43 -11.28 -3.47
CA SER A 208 21.32 -10.70 -4.79
C SER A 208 20.32 -11.50 -5.63
N VAL A 209 19.59 -10.83 -6.51
CA VAL A 209 18.66 -11.52 -7.37
C VAL A 209 19.09 -11.52 -8.82
N ILE A 210 18.89 -12.68 -9.46
CA ILE A 210 19.12 -12.80 -10.88
C ILE A 210 17.66 -12.75 -11.40
N GLY A 211 17.31 -11.73 -12.20
CA GLY A 211 15.98 -11.68 -12.74
C GLY A 211 15.97 -12.24 -14.17
N MET A 212 15.10 -13.20 -14.46
CA MET A 212 15.05 -13.72 -15.84
C MET A 212 13.85 -13.08 -16.58
N VAL A 213 14.16 -12.27 -17.56
CA VAL A 213 13.12 -11.63 -18.31
C VAL A 213 12.33 -12.65 -19.12
N THR A 214 11.06 -12.65 -18.82
CA THR A 214 10.17 -13.56 -19.43
C THR A 214 9.32 -12.92 -20.54
N ASP A 215 9.02 -11.64 -20.40
CA ASP A 215 8.05 -11.00 -21.30
C ASP A 215 8.11 -9.50 -21.14
N TYR A 216 7.49 -8.80 -22.07
CA TYR A 216 7.39 -7.39 -21.87
C TYR A 216 6.13 -7.34 -20.98
N ASP A 217 6.00 -6.36 -20.14
CA ASP A 217 4.85 -6.37 -19.28
C ASP A 217 3.49 -6.26 -20.06
N VAL A 218 2.92 -5.05 -20.09
CA VAL A 218 1.64 -4.83 -20.75
C VAL A 218 1.95 -3.95 -21.93
N PHE A 219 2.55 -2.78 -21.62
CA PHE A 219 2.99 -1.85 -22.65
C PHE A 219 3.88 -2.67 -23.67
N ALA A 220 3.20 -3.28 -24.65
CA ALA A 220 3.83 -4.12 -25.68
C ALA A 220 2.76 -4.55 -26.67
N ASP A 221 3.03 -5.68 -27.34
CA ASP A 221 2.24 -6.28 -28.45
C ASP A 221 1.04 -7.18 -28.14
N ILE A 222 1.33 -8.23 -27.38
CA ILE A 222 0.37 -9.26 -26.95
C ILE A 222 0.73 -9.38 -25.44
N PRO A 223 0.07 -8.60 -24.55
CA PRO A 223 0.34 -8.63 -23.09
C PRO A 223 0.67 -9.94 -22.31
N VAL A 224 1.33 -9.76 -21.16
CA VAL A 224 1.74 -10.85 -20.25
C VAL A 224 0.62 -11.76 -19.75
N THR A 225 0.89 -13.06 -19.86
CA THR A 225 0.00 -14.15 -19.45
C THR A 225 0.80 -15.07 -18.49
N ALA A 226 0.12 -15.75 -17.57
CA ALA A 226 0.84 -16.64 -16.66
C ALA A 226 1.51 -17.74 -17.52
N GLU A 227 0.85 -18.08 -18.62
CA GLU A 227 1.33 -19.10 -19.54
C GLU A 227 2.66 -18.77 -20.29
N GLU A 228 2.81 -17.58 -20.89
CA GLU A 228 4.05 -17.24 -21.62
C GLU A 228 5.29 -17.13 -20.71
N VAL A 229 5.03 -16.83 -19.43
CA VAL A 229 6.06 -16.69 -18.40
C VAL A 229 6.65 -18.07 -18.06
N THR A 230 5.75 -19.01 -17.81
CA THR A 230 6.14 -20.36 -17.49
C THR A 230 6.93 -20.92 -18.67
N LYS A 231 6.48 -20.61 -19.90
CA LYS A 231 7.11 -21.09 -21.15
C LYS A 231 8.52 -20.56 -21.44
N VAL A 232 8.68 -19.23 -21.42
CA VAL A 232 9.99 -18.62 -21.65
C VAL A 232 10.93 -18.97 -20.51
N MET A 233 10.35 -19.16 -19.32
CA MET A 233 11.12 -19.53 -18.13
C MET A 233 11.90 -20.81 -18.47
N ALA A 234 11.16 -21.89 -18.81
CA ALA A 234 11.72 -23.21 -19.14
C ALA A 234 12.84 -23.10 -20.14
N GLU A 235 12.59 -22.27 -21.13
CA GLU A 235 13.58 -22.09 -22.18
C GLU A 235 14.87 -21.42 -21.72
N ASN A 236 14.91 -20.96 -20.47
CA ASN A 236 16.09 -20.26 -19.96
C ASN A 236 16.49 -20.85 -18.62
N THR A 237 15.77 -21.87 -18.19
CA THR A 237 16.12 -22.47 -16.93
C THR A 237 17.53 -23.05 -17.08
N ALA A 238 17.78 -23.67 -18.22
CA ALA A 238 19.08 -24.27 -18.48
C ALA A 238 20.18 -23.21 -18.35
N LYS A 239 19.90 -22.00 -18.81
CA LYS A 239 20.90 -20.93 -18.71
C LYS A 239 21.29 -20.56 -17.28
N VAL A 240 20.30 -20.45 -16.41
CA VAL A 240 20.53 -20.04 -15.05
C VAL A 240 21.19 -21.12 -14.27
N LYS A 241 20.88 -22.36 -14.62
CA LYS A 241 21.52 -23.43 -13.91
C LYS A 241 23.03 -23.32 -14.20
N LYS A 242 23.41 -23.09 -15.46
CA LYS A 242 24.83 -22.95 -15.76
C LYS A 242 25.44 -21.77 -14.99
N LEU A 243 24.77 -20.63 -15.08
CA LEU A 243 25.18 -19.40 -14.38
C LEU A 243 25.33 -19.63 -12.88
N LEU A 244 24.30 -20.24 -12.34
CA LEU A 244 24.22 -20.56 -10.93
C LEU A 244 25.41 -21.36 -10.41
N TYR A 245 25.68 -22.47 -11.10
CA TYR A 245 26.76 -23.32 -10.70
C TYR A 245 28.12 -22.65 -10.86
N GLU A 246 28.30 -21.93 -11.97
CA GLU A 246 29.54 -21.21 -12.18
C GLU A 246 29.70 -20.16 -11.04
N VAL A 247 28.60 -19.53 -10.63
CA VAL A 247 28.72 -18.56 -9.54
C VAL A 247 29.14 -19.20 -8.23
N ILE A 248 28.51 -20.33 -7.94
CA ILE A 248 28.82 -21.00 -6.69
C ILE A 248 30.30 -21.43 -6.64
N ARG A 249 30.83 -21.92 -7.78
CA ARG A 249 32.24 -22.36 -7.91
C ARG A 249 33.17 -21.24 -7.57
N ARG A 250 32.74 -19.98 -7.72
CA ARG A 250 33.64 -18.86 -7.47
C ARG A 250 33.44 -18.16 -6.16
N LEU A 251 32.40 -18.51 -5.42
CA LEU A 251 32.18 -17.82 -4.17
C LEU A 251 33.23 -18.01 -3.09
N PRO A 252 33.81 -16.92 -2.56
CA PRO A 252 34.79 -17.01 -1.48
C PRO A 252 33.99 -17.59 -0.27
N GLU A 253 34.66 -17.94 0.81
CA GLU A 253 33.98 -18.51 1.95
C GLU A 253 32.97 -17.55 2.58
N LYS A 254 33.32 -16.27 2.62
CA LYS A 254 32.45 -15.26 3.22
C LYS A 254 32.46 -14.05 2.36
N PRO A 255 31.35 -13.35 2.33
CA PRO A 255 31.37 -12.14 1.50
C PRO A 255 32.25 -11.09 2.17
N ASP A 256 32.81 -10.19 1.37
CA ASP A 256 33.65 -9.13 1.86
C ASP A 256 32.73 -8.06 2.45
N GLU A 257 32.82 -7.81 3.76
CA GLU A 257 31.96 -6.80 4.37
C GLU A 257 31.96 -5.44 3.68
N ARG A 258 33.12 -5.02 3.15
CA ARG A 258 33.26 -3.74 2.45
C ARG A 258 32.50 -3.71 1.11
N LYS A 259 31.99 -4.86 0.69
CA LYS A 259 31.27 -4.93 -0.55
C LYS A 259 29.92 -5.55 -0.28
N CYS A 260 29.45 -5.44 0.98
CA CYS A 260 28.20 -6.03 1.37
C CYS A 260 27.47 -5.04 2.30
N SER A 261 26.53 -4.29 1.72
CA SER A 261 25.78 -3.26 2.44
C SER A 261 25.00 -3.73 3.69
N CYS A 262 24.50 -4.96 3.68
CA CYS A 262 23.73 -5.50 4.84
C CYS A 262 24.49 -6.43 5.82
N CYS A 263 25.72 -6.81 5.47
CA CYS A 263 26.48 -7.72 6.31
C CYS A 263 26.73 -7.24 7.74
N GLN A 264 26.54 -5.96 8.00
CA GLN A 264 26.75 -5.47 9.35
C GLN A 264 25.59 -4.52 9.65
N ALA A 265 24.47 -4.75 8.96
CA ALA A 265 23.25 -3.96 9.04
C ALA A 265 22.77 -3.64 10.41
N LEU A 266 22.83 -4.63 11.28
CA LEU A 266 22.38 -4.45 12.66
C LEU A 266 23.20 -3.54 13.53
N LYS A 267 24.51 -3.45 13.32
CA LYS A 267 25.36 -2.59 14.17
C LYS A 267 24.85 -1.16 14.25
N THR A 268 24.24 -0.72 13.18
CA THR A 268 23.79 0.63 13.14
C THR A 268 22.29 0.84 13.05
N ALA A 269 21.53 -0.27 12.93
CA ALA A 269 20.08 -0.21 12.80
C ALA A 269 19.23 -0.22 14.07
N LEU A 270 19.75 -0.74 15.17
CA LEU A 270 18.96 -0.79 16.40
C LEU A 270 18.85 0.56 17.04
N VAL A 271 17.66 0.82 17.59
CA VAL A 271 17.44 2.05 18.29
C VAL A 271 17.76 1.71 19.70
N LEU A 272 18.69 2.46 20.27
CA LEU A 272 19.07 2.22 21.65
C LEU A 272 18.85 3.54 22.40
N GLU B 4 -9.42 11.59 42.84
CA GLU B 4 -10.87 11.94 42.76
C GLU B 4 -11.27 12.82 41.57
N PRO B 5 -10.54 13.90 41.28
CA PRO B 5 -11.02 14.66 40.11
C PRO B 5 -10.65 13.82 38.88
N LYS B 6 -11.47 13.87 37.84
CA LYS B 6 -11.20 13.10 36.65
C LYS B 6 -10.03 13.71 35.95
N GLU B 7 -9.28 12.85 35.27
CA GLU B 7 -8.09 13.21 34.51
C GLU B 7 -8.53 14.04 33.32
N LYS B 8 -7.91 15.21 33.13
CA LYS B 8 -8.22 16.11 32.02
C LYS B 8 -6.97 16.81 31.50
N ALA B 9 -6.95 17.12 30.21
CA ALA B 9 -5.85 17.87 29.59
C ALA B 9 -6.43 18.48 28.31
N SER B 10 -6.00 19.68 27.92
CA SER B 10 -6.54 20.25 26.70
C SER B 10 -5.45 20.17 25.65
N ILE B 11 -4.23 19.93 26.10
CA ILE B 11 -3.12 19.86 25.18
C ILE B 11 -2.49 18.50 25.24
N GLY B 12 -2.21 17.94 24.05
CA GLY B 12 -1.58 16.65 23.96
C GLY B 12 -0.26 16.77 23.21
N ILE B 13 0.80 16.13 23.75
CA ILE B 13 2.11 16.17 23.13
C ILE B 13 2.48 14.74 22.77
N ILE B 14 2.68 14.45 21.50
CA ILE B 14 3.06 13.08 21.16
C ILE B 14 4.43 13.14 20.53
N GLY B 15 5.42 12.52 21.15
CA GLY B 15 6.74 12.58 20.57
C GLY B 15 7.55 11.50 21.13
N GLY B 16 8.77 11.85 21.50
CA GLY B 16 9.69 10.90 22.08
C GLY B 16 9.70 11.12 23.58
N SER B 17 10.38 10.25 24.30
CA SER B 17 10.47 10.45 25.72
C SER B 17 11.44 11.62 25.76
N GLY B 18 11.58 12.31 26.88
CA GLY B 18 12.53 13.39 26.83
C GLY B 18 11.87 14.74 26.65
N LEU B 19 10.82 14.83 25.86
CA LEU B 19 10.14 16.11 25.72
C LEU B 19 9.59 16.42 27.11
N TYR B 20 9.13 15.37 27.78
CA TYR B 20 8.56 15.44 29.12
C TYR B 20 9.60 15.92 30.09
N ASP B 21 9.23 16.90 30.89
CA ASP B 21 10.16 17.42 31.86
C ASP B 21 9.59 17.70 33.25
N PRO B 22 10.21 17.11 34.30
CA PRO B 22 9.84 17.22 35.72
C PRO B 22 9.99 18.62 36.34
N GLN B 23 10.82 19.47 35.73
CA GLN B 23 11.06 20.81 36.24
C GLN B 23 10.19 21.93 35.68
N ILE B 24 9.54 21.69 34.54
CA ILE B 24 8.67 22.71 33.95
C ILE B 24 7.15 22.37 34.04
N LEU B 25 6.82 21.08 34.16
CA LEU B 25 5.42 20.63 34.31
C LEU B 25 5.29 20.47 35.80
N THR B 26 4.29 21.11 36.40
CA THR B 26 4.15 21.05 37.84
C THR B 26 3.43 19.85 38.50
N ASN B 27 2.11 19.67 38.36
CA ASN B 27 1.44 18.54 39.03
C ASN B 27 1.54 17.21 38.29
N VAL B 28 2.74 16.68 38.13
CA VAL B 28 2.90 15.42 37.42
C VAL B 28 2.13 14.25 37.98
N LYS B 29 1.39 13.60 37.10
CA LYS B 29 0.63 12.42 37.47
C LYS B 29 0.73 11.49 36.28
N GLU B 30 1.01 10.25 36.55
CA GLU B 30 1.10 9.26 35.50
C GLU B 30 -0.21 8.48 35.52
N ILE B 31 -0.91 8.38 34.39
CA ILE B 31 -2.13 7.59 34.36
C ILE B 31 -2.12 6.54 33.26
N LYS B 32 -2.98 5.57 33.41
CA LYS B 32 -3.05 4.52 32.44
C LYS B 32 -4.46 4.59 31.93
N VAL B 33 -4.67 4.69 30.61
CA VAL B 33 -6.06 4.70 30.14
C VAL B 33 -6.38 3.60 29.19
N TYR B 34 -7.53 2.98 29.42
CA TYR B 34 -7.99 1.88 28.64
C TYR B 34 -8.87 2.43 27.56
N THR B 35 -8.80 1.85 26.37
CA THR B 35 -9.60 2.36 25.26
C THR B 35 -10.26 1.18 24.57
N PRO B 36 -11.23 1.47 23.67
CA PRO B 36 -11.93 0.44 22.90
C PRO B 36 -10.96 -0.26 21.95
N TYR B 37 -9.73 0.24 21.84
CA TYR B 37 -8.74 -0.36 20.96
C TYR B 37 -7.58 -0.95 21.72
N GLY B 38 -7.73 -1.13 23.04
CA GLY B 38 -6.59 -1.69 23.71
C GLY B 38 -5.79 -0.58 24.34
N GLU B 39 -4.52 -0.83 24.60
CA GLU B 39 -3.78 0.17 25.27
C GLU B 39 -2.86 1.06 24.47
N PRO B 40 -2.69 2.30 24.93
CA PRO B 40 -1.83 3.35 24.34
C PRO B 40 -0.38 2.91 24.38
N SER B 41 0.51 3.53 23.58
CA SER B 41 1.90 3.12 23.61
C SER B 41 2.50 3.11 25.04
N ASP B 42 1.97 3.90 25.94
CA ASP B 42 2.50 3.93 27.30
C ASP B 42 1.51 4.64 28.22
N ASN B 43 1.84 4.70 29.52
CA ASN B 43 0.96 5.45 30.43
C ASN B 43 1.10 6.91 30.03
N ILE B 44 0.03 7.67 30.25
CA ILE B 44 0.07 9.06 29.91
C ILE B 44 0.51 9.90 31.09
N ILE B 45 1.39 10.86 30.79
CA ILE B 45 1.88 11.71 31.82
C ILE B 45 1.19 13.04 31.72
N LEU B 46 0.45 13.33 32.79
CA LEU B 46 -0.32 14.55 32.98
C LEU B 46 0.50 15.58 33.78
N GLY B 47 0.46 16.82 33.35
CA GLY B 47 1.20 17.86 34.02
C GLY B 47 0.66 19.23 33.69
N GLU B 48 1.10 20.21 34.45
CA GLU B 48 0.66 21.56 34.24
C GLU B 48 1.80 22.43 33.85
N LEU B 49 1.52 23.32 32.93
CA LEU B 49 2.48 24.26 32.44
C LEU B 49 1.72 25.56 32.35
N GLU B 50 2.05 26.50 33.23
CA GLU B 50 1.38 27.77 33.24
C GLU B 50 -0.13 27.63 33.24
N GLY B 51 -0.64 26.84 34.19
CA GLY B 51 -2.07 26.68 34.28
C GLY B 51 -2.68 26.02 33.07
N ARG B 52 -1.83 25.41 32.24
CA ARG B 52 -2.37 24.70 31.08
C ARG B 52 -2.21 23.19 31.43
N LYS B 53 -3.29 22.44 31.28
CA LYS B 53 -3.26 21.02 31.56
C LYS B 53 -2.79 20.30 30.31
N VAL B 54 -1.67 19.59 30.46
CA VAL B 54 -1.01 18.92 29.35
C VAL B 54 -0.88 17.40 29.49
N ALA B 55 -0.99 16.69 28.36
CA ALA B 55 -0.79 15.23 28.39
C ALA B 55 0.36 14.83 27.45
N PHE B 56 1.34 14.08 27.96
CA PHE B 56 2.45 13.60 27.15
C PHE B 56 2.30 12.10 26.88
N LEU B 57 2.41 11.73 25.60
CA LEU B 57 2.31 10.34 25.21
C LEU B 57 3.44 10.01 24.25
N PRO B 58 4.44 9.26 24.71
CA PRO B 58 5.52 8.93 23.76
C PRO B 58 5.00 7.79 22.84
N ARG B 59 4.77 8.12 21.58
CA ARG B 59 4.20 7.14 20.63
C ARG B 59 4.98 5.84 20.52
N HIS B 60 6.30 5.84 20.77
CA HIS B 60 7.01 4.55 20.69
C HIS B 60 7.16 3.89 22.04
N GLY B 61 6.59 4.50 23.08
CA GLY B 61 6.77 3.94 24.41
C GLY B 61 8.04 4.46 25.03
N ARG B 62 8.05 4.66 26.35
CA ARG B 62 9.23 5.16 27.02
C ARG B 62 10.56 4.58 26.61
N GLY B 63 10.70 3.27 26.47
CA GLY B 63 12.02 2.82 26.05
C GLY B 63 12.13 2.59 24.55
N HIS B 64 11.23 3.20 23.79
CA HIS B 64 11.21 3.06 22.34
C HIS B 64 11.24 1.58 21.93
N ARG B 65 10.30 0.81 22.45
CA ARG B 65 10.20 -0.60 22.16
C ARG B 65 9.15 -0.91 21.08
N ILE B 66 8.40 0.08 20.62
CA ILE B 66 7.38 -0.16 19.62
C ILE B 66 7.69 0.48 18.27
N PRO B 67 7.85 -0.34 17.24
CA PRO B 67 8.15 0.22 15.92
C PRO B 67 6.95 0.95 15.31
N PRO B 68 7.18 1.77 14.29
CA PRO B 68 6.13 2.55 13.62
C PRO B 68 4.92 1.75 13.16
N HIS B 69 5.17 0.60 12.54
CA HIS B 69 4.03 -0.20 12.05
C HIS B 69 3.28 -0.93 13.16
N LYS B 70 3.80 -0.97 14.37
CA LYS B 70 3.07 -1.64 15.45
C LYS B 70 2.39 -0.73 16.43
N ILE B 71 2.61 0.59 16.31
CA ILE B 71 1.96 1.55 17.20
C ILE B 71 0.40 1.49 17.19
N ASN B 72 -0.17 1.51 18.38
CA ASN B 72 -1.62 1.47 18.50
C ASN B 72 -2.10 2.95 18.39
N TYR B 73 -2.22 3.38 17.12
CA TYR B 73 -2.58 4.76 16.82
C TYR B 73 -3.97 5.08 17.27
N ARG B 74 -4.87 4.12 17.11
CA ARG B 74 -6.21 4.39 17.53
C ARG B 74 -6.27 4.57 19.06
N ALA B 75 -5.58 3.72 19.81
CA ALA B 75 -5.65 3.84 21.25
C ALA B 75 -5.03 5.20 21.66
N ASN B 76 -3.91 5.53 21.04
CA ASN B 76 -3.26 6.78 21.43
C ASN B 76 -4.15 8.00 21.21
N ILE B 77 -4.78 8.08 20.02
CA ILE B 77 -5.60 9.23 19.74
C ILE B 77 -6.87 9.26 20.56
N TRP B 78 -7.49 8.12 20.71
CA TRP B 78 -8.72 7.99 21.46
C TRP B 78 -8.43 8.34 22.96
N ALA B 79 -7.28 7.90 23.48
CA ALA B 79 -6.98 8.20 24.89
C ALA B 79 -6.86 9.71 25.07
N LEU B 80 -6.13 10.39 24.18
CA LEU B 80 -6.02 11.84 24.32
C LEU B 80 -7.39 12.48 24.18
N LYS B 81 -8.17 12.01 23.22
CA LYS B 81 -9.48 12.61 23.07
C LYS B 81 -10.34 12.49 24.35
N SER B 82 -10.36 11.30 24.94
CA SER B 82 -11.15 11.05 26.12
C SER B 82 -10.74 11.93 27.35
N LEU B 83 -9.52 12.46 27.33
CA LEU B 83 -9.01 13.31 28.39
C LEU B 83 -9.42 14.79 28.09
N GLY B 84 -10.06 15.03 26.95
CA GLY B 84 -10.48 16.36 26.60
C GLY B 84 -9.46 17.13 25.77
N VAL B 85 -8.47 16.45 25.19
CA VAL B 85 -7.46 17.14 24.42
C VAL B 85 -8.02 17.77 23.18
N LYS B 86 -7.59 19.01 22.93
CA LYS B 86 -8.02 19.76 21.76
C LYS B 86 -6.85 20.14 20.86
N TRP B 87 -5.67 20.36 21.41
CA TRP B 87 -4.51 20.69 20.61
C TRP B 87 -3.58 19.50 20.72
N VAL B 88 -3.08 18.99 19.61
CA VAL B 88 -2.14 17.87 19.65
C VAL B 88 -0.87 18.30 18.92
N ILE B 89 0.23 18.42 19.64
CA ILE B 89 1.49 18.79 19.00
C ILE B 89 2.27 17.51 18.87
N ALA B 90 2.51 17.09 17.62
CA ALA B 90 3.24 15.85 17.38
C ALA B 90 4.64 16.21 16.94
N VAL B 91 5.63 15.57 17.58
CA VAL B 91 7.05 15.79 17.31
C VAL B 91 7.61 14.49 16.75
N SER B 92 8.38 14.61 15.69
CA SER B 92 8.87 13.41 14.99
C SER B 92 10.19 13.65 14.31
N ALA B 93 11.09 12.68 14.40
CA ALA B 93 12.38 12.79 13.69
C ALA B 93 12.03 12.57 12.20
N VAL B 94 12.60 13.37 11.29
CA VAL B 94 12.34 13.12 9.87
C VAL B 94 13.62 13.22 9.04
N GLY B 95 13.60 12.57 7.86
CA GLY B 95 14.70 12.71 6.93
C GLY B 95 14.35 13.80 5.90
N SER B 96 15.38 14.45 5.35
CA SER B 96 15.15 15.49 4.36
C SER B 96 15.33 15.01 2.95
N LEU B 97 14.46 15.50 2.05
CA LEU B 97 14.54 15.18 0.62
C LEU B 97 15.02 16.39 -0.23
N ARG B 98 15.56 17.42 0.43
CA ARG B 98 16.03 18.61 -0.30
C ARG B 98 17.22 19.19 0.47
N LEU B 99 18.29 19.48 -0.24
CA LEU B 99 19.51 19.97 0.40
C LEU B 99 19.36 21.22 1.30
N ASP B 100 18.41 22.11 0.99
CA ASP B 100 18.20 23.28 1.81
C ASP B 100 17.45 22.99 3.12
N TYR B 101 16.91 21.78 3.32
CA TYR B 101 16.23 21.47 4.60
C TYR B 101 17.33 20.64 5.27
N LYS B 102 18.01 21.28 6.22
CA LYS B 102 19.19 20.64 6.83
C LYS B 102 19.06 19.95 8.15
N PRO B 103 19.98 19.01 8.41
CA PRO B 103 19.88 18.33 9.70
C PRO B 103 19.88 19.42 10.76
N GLY B 104 19.07 19.24 11.80
CA GLY B 104 19.00 20.23 12.84
C GLY B 104 17.89 21.25 12.56
N ASP B 105 17.49 21.45 11.28
CA ASP B 105 16.36 22.36 11.00
C ASP B 105 15.05 21.70 11.42
N PHE B 106 14.04 22.50 11.72
CA PHE B 106 12.73 21.95 12.00
C PHE B 106 11.85 22.26 10.75
N VAL B 107 10.74 21.56 10.65
CA VAL B 107 9.78 21.73 9.58
C VAL B 107 8.40 21.53 10.15
N VAL B 108 7.49 22.37 9.72
CA VAL B 108 6.10 22.29 10.15
C VAL B 108 5.41 22.09 8.82
N PRO B 109 5.22 20.82 8.48
CA PRO B 109 4.59 20.53 7.19
C PRO B 109 3.17 20.97 7.06
N ASN B 110 2.75 21.22 5.83
CA ASN B 110 1.37 21.60 5.55
C ASN B 110 0.71 20.54 4.67
N GLN B 111 1.46 19.53 4.28
CA GLN B 111 0.88 18.46 3.46
C GLN B 111 1.54 17.11 3.77
N PHE B 112 0.92 16.04 3.29
CA PHE B 112 1.55 14.74 3.43
C PHE B 112 1.11 13.87 2.29
N ILE B 113 1.87 12.79 2.07
CA ILE B 113 1.59 11.75 1.08
C ILE B 113 1.76 10.40 1.79
N ASP B 114 0.69 9.65 1.84
CA ASP B 114 0.72 8.36 2.51
C ASP B 114 1.21 7.20 1.62
N MET B 115 2.36 6.62 1.95
CA MET B 115 2.80 5.48 1.19
C MET B 115 2.90 4.28 2.17
N THR B 116 2.17 4.32 3.29
CA THR B 116 2.19 3.18 4.20
C THR B 116 1.37 2.04 3.55
N LYS B 117 1.42 0.86 4.13
CA LYS B 117 0.74 -0.26 3.50
C LYS B 117 -0.12 -1.11 4.44
N GLY B 118 0.23 -1.36 5.68
CA GLY B 118 -0.78 -2.26 6.29
C GLY B 118 -1.40 -1.87 7.59
N ARG B 119 -1.59 -0.57 7.76
CA ARG B 119 -2.07 -0.01 8.98
C ARG B 119 -3.56 0.10 9.06
N THR B 120 -4.08 0.58 10.19
CA THR B 120 -5.52 0.81 10.33
C THR B 120 -5.64 2.33 10.17
N TYR B 121 -6.41 2.76 9.19
CA TYR B 121 -6.50 4.16 8.86
C TYR B 121 -7.61 5.03 9.42
N THR B 122 -8.59 4.43 10.09
CA THR B 122 -9.74 5.19 10.50
C THR B 122 -10.34 4.54 11.78
N PHE B 123 -11.21 5.30 12.49
CA PHE B 123 -11.94 4.85 13.65
C PHE B 123 -13.31 4.35 13.10
N PHE B 124 -13.63 4.71 11.86
CA PHE B 124 -14.91 4.32 11.28
C PHE B 124 -14.97 3.10 10.36
N ASP B 125 -15.16 1.92 10.96
CA ASP B 125 -15.24 0.67 10.26
C ASP B 125 -16.69 0.23 10.06
N GLY B 126 -17.62 1.08 10.39
CA GLY B 126 -19.03 0.72 10.27
C GLY B 126 -19.54 0.38 11.67
N PRO B 127 -20.86 0.45 11.90
CA PRO B 127 -21.89 0.80 10.90
C PRO B 127 -22.03 2.26 10.49
N THR B 128 -21.32 3.18 11.15
CA THR B 128 -21.38 4.59 10.77
C THR B 128 -20.22 4.85 9.78
N VAL B 129 -20.54 5.17 8.53
CA VAL B 129 -19.47 5.41 7.56
C VAL B 129 -19.12 6.89 7.50
N ALA B 130 -17.82 7.22 7.58
CA ALA B 130 -17.41 8.60 7.51
C ALA B 130 -16.14 8.80 6.62
N HIS B 131 -16.16 9.89 5.86
CA HIS B 131 -15.11 10.22 4.95
C HIS B 131 -14.66 11.61 5.22
N VAL B 132 -13.70 11.72 6.12
CA VAL B 132 -13.23 13.02 6.50
C VAL B 132 -12.40 13.67 5.40
N SER B 133 -12.64 14.95 5.20
CA SER B 133 -11.90 15.74 4.21
C SER B 133 -10.50 16.07 4.78
N MET B 134 -9.45 15.96 3.99
CA MET B 134 -8.08 16.22 4.43
C MET B 134 -7.20 16.98 3.43
N ALA B 135 -7.89 17.72 2.59
CA ALA B 135 -7.25 18.55 1.58
C ALA B 135 -6.15 19.33 2.30
N ASP B 136 -6.45 19.91 3.45
CA ASP B 136 -5.45 20.63 4.24
C ASP B 136 -5.45 19.83 5.52
N PRO B 137 -4.61 18.80 5.59
CA PRO B 137 -4.53 17.92 6.72
C PRO B 137 -4.20 18.44 8.07
N PHE B 138 -3.43 19.51 8.17
CA PHE B 138 -3.08 19.97 9.50
C PHE B 138 -3.87 21.14 10.01
N CYS B 139 -3.79 21.38 11.31
CA CYS B 139 -4.52 22.48 11.92
C CYS B 139 -3.75 23.82 11.77
N GLU B 140 -4.24 24.68 10.87
CA GLU B 140 -3.57 25.97 10.64
C GLU B 140 -3.31 26.85 11.88
N HIS B 141 -4.27 26.87 12.79
CA HIS B 141 -4.12 27.67 14.00
C HIS B 141 -2.85 27.27 14.76
N LEU B 142 -2.68 25.97 15.01
CA LEU B 142 -1.52 25.47 15.71
C LEU B 142 -0.25 25.68 14.90
N ARG B 143 -0.34 25.47 13.59
CA ARG B 143 0.83 25.65 12.75
C ARG B 143 1.39 27.09 12.91
N SER B 144 0.50 28.10 12.82
CA SER B 144 1.01 29.46 12.93
C SER B 144 1.55 29.79 14.30
N ILE B 145 0.97 29.23 15.35
CA ILE B 145 1.51 29.52 16.65
C ILE B 145 2.88 28.88 16.76
N ILE B 146 3.04 27.68 16.21
CA ILE B 146 4.34 27.03 16.29
C ILE B 146 5.36 27.88 15.53
N LEU B 147 5.00 28.30 14.32
CA LEU B 147 5.91 29.13 13.50
C LEU B 147 6.19 30.49 14.17
N ASP B 148 5.18 31.14 14.74
CA ASP B 148 5.41 32.42 15.44
C ASP B 148 6.41 32.18 16.60
N SER B 149 6.22 31.10 17.33
CA SER B 149 7.11 30.81 18.44
C SER B 149 8.51 30.50 17.97
N ALA B 150 8.63 29.73 16.91
CA ALA B 150 9.98 29.36 16.38
C ALA B 150 10.73 30.62 15.96
N LYS B 151 10.02 31.54 15.31
CA LYS B 151 10.60 32.81 14.87
C LYS B 151 11.09 33.62 16.08
N ASP B 152 10.24 33.79 17.09
CA ASP B 152 10.67 34.54 18.27
C ASP B 152 11.86 33.85 18.96
N LEU B 153 11.96 32.51 18.94
CA LEU B 153 13.08 31.88 19.62
C LEU B 153 14.28 31.81 18.72
N GLY B 154 14.12 32.20 17.48
CA GLY B 154 15.26 32.14 16.58
C GLY B 154 15.60 30.74 16.14
N ILE B 155 14.63 29.83 16.12
CA ILE B 155 14.86 28.44 15.72
C ILE B 155 14.49 28.24 14.27
N THR B 156 15.49 27.92 13.44
CA THR B 156 15.26 27.65 12.03
C THR B 156 14.10 26.65 11.86
N THR B 157 13.06 27.07 11.17
CA THR B 157 11.88 26.25 10.97
C THR B 157 11.26 26.56 9.63
N HIS B 158 11.25 25.57 8.73
CA HIS B 158 10.64 25.77 7.43
C HIS B 158 9.16 25.79 7.67
N ASP B 159 8.48 26.75 7.05
CA ASP B 159 7.06 26.95 7.27
C ASP B 159 6.10 26.21 6.37
N LYS B 160 6.61 25.27 5.59
CA LYS B 160 5.74 24.49 4.74
C LYS B 160 6.51 23.23 4.35
N GLY B 161 5.82 22.23 3.81
CA GLY B 161 6.50 21.01 3.43
C GLY B 161 5.55 19.83 3.30
N THR B 162 5.90 18.94 2.40
CA THR B 162 5.12 17.73 2.16
C THR B 162 5.90 16.56 2.74
N TYR B 163 5.31 15.96 3.75
CA TYR B 163 5.87 14.83 4.48
C TYR B 163 5.42 13.54 3.76
N ILE B 164 6.34 12.74 3.24
CA ILE B 164 5.91 11.49 2.63
C ILE B 164 6.09 10.40 3.72
N CYS B 165 5.02 9.71 4.08
CA CYS B 165 5.13 8.70 5.11
C CYS B 165 5.25 7.30 4.47
N ILE B 166 6.31 6.59 4.86
CA ILE B 166 6.57 5.25 4.33
C ILE B 166 6.27 4.23 5.45
N GLU B 167 6.07 2.97 5.04
CA GLU B 167 5.74 1.90 5.92
C GLU B 167 6.86 1.54 6.84
N GLY B 168 8.08 1.53 6.35
CA GLY B 168 9.18 1.12 7.21
C GLY B 168 9.03 -0.38 7.63
N PRO B 169 9.81 -0.86 8.59
CA PRO B 169 10.83 -0.10 9.35
C PRO B 169 12.12 0.16 8.63
N ARG B 170 12.41 -0.62 7.60
CA ARG B 170 13.60 -0.39 6.78
C ARG B 170 13.49 1.03 6.10
N PHE B 171 14.62 1.62 5.83
CA PHE B 171 14.73 2.91 5.22
C PHE B 171 14.63 2.75 3.68
N SER B 172 14.25 3.80 3.03
CA SER B 172 14.17 3.83 1.62
C SER B 172 15.39 3.38 0.82
N THR B 173 15.05 2.86 -0.34
CA THR B 173 15.98 2.43 -1.35
C THR B 173 16.42 3.75 -2.06
N ARG B 174 17.55 3.75 -2.74
CA ARG B 174 17.94 4.97 -3.39
C ARG B 174 16.94 5.27 -4.55
N ALA B 175 16.54 4.24 -5.30
CA ALA B 175 15.54 4.44 -6.34
C ALA B 175 14.21 4.96 -5.73
N GLU B 176 13.84 4.50 -4.54
CA GLU B 176 12.57 5.00 -3.96
C GLU B 176 12.68 6.50 -3.57
N SER B 177 13.80 6.84 -2.98
CA SER B 177 14.07 8.17 -2.52
C SER B 177 14.10 9.16 -3.72
N ILE B 178 14.72 8.79 -4.86
CA ILE B 178 14.75 9.62 -6.04
C ILE B 178 13.23 9.81 -6.43
N VAL B 179 12.44 8.74 -6.39
CA VAL B 179 11.04 8.89 -6.73
C VAL B 179 10.27 9.80 -5.72
N TRP B 180 10.51 9.61 -4.41
CA TRP B 180 9.81 10.47 -3.45
C TRP B 180 10.19 11.93 -3.74
N LYS B 181 11.46 12.17 -4.04
CA LYS B 181 11.89 13.54 -4.26
C LYS B 181 11.54 14.14 -5.63
N GLU B 182 12.01 13.52 -6.70
CA GLU B 182 11.78 14.06 -8.02
C GLU B 182 10.38 13.85 -8.56
N VAL B 183 9.73 12.79 -8.19
CA VAL B 183 8.45 12.52 -8.76
C VAL B 183 7.29 12.98 -7.89
N PHE B 184 7.20 12.45 -6.66
CA PHE B 184 6.15 12.89 -5.76
C PHE B 184 6.43 14.32 -5.25
N LYS B 185 7.69 14.78 -5.34
CA LYS B 185 8.05 16.10 -4.84
C LYS B 185 7.84 16.28 -3.35
N ALA B 186 8.03 15.23 -2.57
CA ALA B 186 7.89 15.35 -1.12
C ALA B 186 9.15 16.09 -0.61
N ASP B 187 9.06 16.77 0.53
CA ASP B 187 10.15 17.53 1.11
C ASP B 187 10.84 16.82 2.26
N ILE B 188 10.08 16.10 3.07
CA ILE B 188 10.63 15.34 4.20
C ILE B 188 10.02 13.95 4.26
N ILE B 189 10.63 13.06 5.04
CA ILE B 189 10.16 11.68 5.07
C ILE B 189 10.22 11.08 6.43
N GLY B 190 9.17 10.32 6.77
CA GLY B 190 9.11 9.68 8.07
C GLY B 190 8.22 8.45 8.04
N MET B 191 7.98 7.87 9.21
CA MET B 191 7.24 6.61 9.31
C MET B 191 6.03 6.59 10.20
N THR B 192 5.84 7.63 11.00
CA THR B 192 4.75 7.61 11.95
C THR B 192 3.60 8.54 11.74
N LEU B 193 3.71 9.45 10.78
CA LEU B 193 2.62 10.45 10.56
C LEU B 193 1.20 9.88 10.33
N VAL B 194 1.13 8.85 9.46
CA VAL B 194 -0.11 8.24 9.09
C VAL B 194 -0.10 6.88 9.75
N PRO B 195 -1.24 6.46 10.35
CA PRO B 195 -2.55 7.10 10.50
C PRO B 195 -2.77 8.03 11.70
N GLU B 196 -1.73 8.45 12.39
CA GLU B 196 -1.89 9.34 13.52
C GLU B 196 -2.68 10.59 13.06
N VAL B 197 -2.26 11.17 11.95
CA VAL B 197 -2.92 12.38 11.50
C VAL B 197 -4.38 12.16 11.04
N ASN B 198 -4.67 11.02 10.43
CA ASN B 198 -6.03 10.69 9.99
C ASN B 198 -6.92 10.59 11.24
N LEU B 199 -6.39 9.90 12.26
CA LEU B 199 -7.18 9.63 13.43
C LEU B 199 -7.44 10.91 14.20
N ALA B 200 -6.41 11.75 14.30
CA ALA B 200 -6.56 13.02 15.02
C ALA B 200 -7.65 13.85 14.33
N CYS B 201 -7.67 13.82 13.00
CA CYS B 201 -8.65 14.62 12.27
C CYS B 201 -10.06 14.10 12.50
N GLU B 202 -10.19 12.77 12.43
CA GLU B 202 -11.49 12.13 12.66
C GLU B 202 -11.92 12.36 14.12
N ALA B 203 -10.99 12.58 15.03
CA ALA B 203 -11.36 12.85 16.42
C ALA B 203 -11.70 14.35 16.59
N GLU B 204 -11.57 15.08 15.49
CA GLU B 204 -11.84 16.52 15.44
C GLU B 204 -10.88 17.28 16.29
N MET B 205 -9.62 16.87 16.26
CA MET B 205 -8.63 17.54 17.06
C MET B 205 -7.84 18.47 16.16
N CYS B 206 -7.20 19.48 16.72
CA CYS B 206 -6.44 20.45 15.96
C CYS B 206 -5.05 19.88 16.14
N TYR B 207 -4.53 19.30 15.06
CA TYR B 207 -3.23 18.57 15.08
C TYR B 207 -2.17 19.11 14.12
N SER B 208 -0.93 19.15 14.57
CA SER B 208 0.21 19.61 13.75
C SER B 208 1.49 18.87 14.15
N VAL B 209 2.35 18.58 13.17
CA VAL B 209 3.62 17.95 13.54
C VAL B 209 4.75 18.90 13.34
N ILE B 210 5.74 18.79 14.22
CA ILE B 210 6.98 19.57 14.15
C ILE B 210 7.93 18.43 13.69
N GLY B 211 8.50 18.53 12.48
CA GLY B 211 9.41 17.49 12.06
C GLY B 211 10.82 17.96 12.37
N MET B 212 11.66 17.11 12.98
CA MET B 212 13.08 17.47 13.30
C MET B 212 13.98 16.79 12.31
N VAL B 213 14.54 17.56 11.39
CA VAL B 213 15.39 16.96 10.40
C VAL B 213 16.61 16.38 11.06
N THR B 214 16.78 15.11 10.81
CA THR B 214 17.84 14.34 11.38
C THR B 214 18.95 14.02 10.36
N ASP B 215 18.59 13.88 9.10
CA ASP B 215 19.57 13.43 8.13
C ASP B 215 19.01 13.70 6.76
N TYR B 216 19.86 13.63 5.76
CA TYR B 216 19.41 13.78 4.40
C TYR B 216 18.98 12.35 4.17
N ASP B 217 18.29 12.08 3.10
CA ASP B 217 17.87 10.71 2.96
C ASP B 217 18.88 10.26 1.93
N VAL B 218 18.96 8.96 1.69
CA VAL B 218 19.91 8.34 0.75
C VAL B 218 20.54 9.20 -0.32
N PHE B 219 19.82 10.17 -0.89
CA PHE B 219 20.48 11.06 -1.86
C PHE B 219 21.30 12.08 -0.97
N ALA B 220 22.47 11.65 -0.46
CA ALA B 220 23.31 12.45 0.46
C ALA B 220 24.73 11.89 0.81
N ASP B 221 25.47 12.64 1.63
CA ASP B 221 26.85 12.29 2.04
C ASP B 221 27.15 10.78 2.02
N ILE B 222 26.53 10.12 3.00
CA ILE B 222 26.58 8.69 3.25
C ILE B 222 25.17 8.49 3.84
N PRO B 223 24.39 7.53 3.29
CA PRO B 223 23.02 7.17 3.68
C PRO B 223 22.62 7.22 5.16
N VAL B 224 21.31 7.43 5.37
CA VAL B 224 20.70 7.48 6.70
C VAL B 224 20.83 6.11 7.43
N THR B 225 21.24 6.17 8.70
CA THR B 225 21.36 4.98 9.56
C THR B 225 20.52 5.23 10.81
N ALA B 226 20.00 4.15 11.42
CA ALA B 226 19.17 4.34 12.62
C ALA B 226 20.00 5.06 13.69
N GLU B 227 21.27 4.71 13.78
CA GLU B 227 22.14 5.29 14.73
C GLU B 227 22.37 6.80 14.48
N GLU B 228 22.42 7.23 13.22
CA GLU B 228 22.65 8.67 12.98
C GLU B 228 21.46 9.57 13.33
N VAL B 229 20.28 8.96 13.47
CA VAL B 229 19.02 9.66 13.81
C VAL B 229 18.90 9.85 15.35
N THR B 230 19.45 8.86 16.06
CA THR B 230 19.54 8.83 17.51
C THR B 230 20.50 9.98 17.90
N LYS B 231 21.73 9.95 17.37
CA LYS B 231 22.78 10.96 17.63
C LYS B 231 22.36 12.42 17.49
N VAL B 232 21.75 12.74 16.33
CA VAL B 232 21.29 14.11 16.01
C VAL B 232 20.04 14.59 16.77
N MET B 233 19.10 13.67 16.91
CA MET B 233 17.85 13.92 17.62
C MET B 233 18.21 14.56 18.96
N ALA B 234 19.11 13.91 19.68
CA ALA B 234 19.52 14.35 21.01
C ALA B 234 20.04 15.77 20.96
N GLU B 235 20.82 16.03 19.95
CA GLU B 235 21.40 17.35 19.82
C GLU B 235 20.41 18.48 19.60
N ASN B 236 19.13 18.13 19.35
CA ASN B 236 18.06 19.07 19.02
C ASN B 236 16.81 18.87 19.89
N THR B 237 16.91 17.91 20.80
CA THR B 237 15.80 17.65 21.71
C THR B 237 15.65 18.90 22.60
N ALA B 238 16.77 19.54 22.89
CA ALA B 238 16.78 20.71 23.73
C ALA B 238 16.02 21.81 23.01
N LYS B 239 16.25 21.97 21.71
CA LYS B 239 15.56 22.97 20.93
C LYS B 239 14.03 22.79 20.90
N VAL B 240 13.57 21.57 20.71
CA VAL B 240 12.12 21.35 20.65
C VAL B 240 11.48 21.55 22.01
N LYS B 241 12.23 21.21 23.06
CA LYS B 241 11.63 21.43 24.39
C LYS B 241 11.37 22.93 24.57
N LYS B 242 12.32 23.78 24.21
CA LYS B 242 12.10 25.22 24.35
C LYS B 242 10.90 25.64 23.49
N LEU B 243 10.89 25.17 22.24
CA LEU B 243 9.86 25.52 21.29
C LEU B 243 8.53 25.11 21.81
N LEU B 244 8.47 23.88 22.26
CA LEU B 244 7.26 23.26 22.77
C LEU B 244 6.61 24.07 23.89
N TYR B 245 7.45 24.44 24.83
CA TYR B 245 6.95 25.15 25.98
C TYR B 245 6.51 26.55 25.62
N GLU B 246 7.32 27.22 24.81
CA GLU B 246 6.91 28.52 24.35
C GLU B 246 5.54 28.36 23.62
N VAL B 247 5.36 27.30 22.81
CA VAL B 247 4.11 27.16 22.10
C VAL B 247 2.93 26.99 23.02
N ILE B 248 3.13 26.14 24.02
CA ILE B 248 2.07 25.87 24.99
C ILE B 248 1.67 27.16 25.74
N ARG B 249 2.68 27.96 26.10
CA ARG B 249 2.46 29.24 26.80
C ARG B 249 1.52 30.12 26.02
N ARG B 250 1.49 30.00 24.68
CA ARG B 250 0.64 30.87 23.88
C ARG B 250 -0.67 30.28 23.42
N LEU B 251 -0.90 29.01 23.64
CA LEU B 251 -2.15 28.46 23.12
C LEU B 251 -3.42 29.02 23.73
N PRO B 252 -4.36 29.47 22.88
CA PRO B 252 -5.62 29.98 23.41
C PRO B 252 -6.29 28.73 24.02
N GLU B 253 -7.41 28.90 24.68
CA GLU B 253 -8.11 27.78 25.32
C GLU B 253 -8.55 26.71 24.33
N LYS B 254 -9.07 27.17 23.20
CA LYS B 254 -9.56 26.30 22.16
C LYS B 254 -9.08 26.82 20.85
N PRO B 255 -8.84 25.93 19.89
CA PRO B 255 -8.39 26.44 18.59
C PRO B 255 -9.57 27.16 17.97
N ASP B 256 -9.28 28.08 17.06
CA ASP B 256 -10.29 28.82 16.34
C ASP B 256 -10.76 27.92 15.17
N GLU B 257 -12.01 27.49 15.21
CA GLU B 257 -12.54 26.62 14.17
C GLU B 257 -12.35 27.07 12.72
N ARG B 258 -12.25 28.38 12.50
CA ARG B 258 -12.09 28.93 11.15
C ARG B 258 -10.67 28.72 10.67
N LYS B 259 -9.82 28.28 11.60
CA LYS B 259 -8.40 28.06 11.30
C LYS B 259 -8.01 26.63 11.64
N CYS B 260 -9.04 25.78 11.64
CA CYS B 260 -8.90 24.39 12.00
C CYS B 260 -9.72 23.52 11.07
N SER B 261 -9.09 23.04 10.00
CA SER B 261 -9.79 22.21 9.01
C SER B 261 -10.55 21.01 9.58
N CYS B 262 -10.02 20.32 10.60
CA CYS B 262 -10.69 19.12 11.16
C CYS B 262 -11.60 19.30 12.40
N CYS B 263 -11.59 20.49 13.03
CA CYS B 263 -12.38 20.74 14.25
C CYS B 263 -13.90 20.51 14.12
N GLN B 264 -14.41 20.53 12.91
CA GLN B 264 -15.83 20.27 12.69
C GLN B 264 -15.94 19.22 11.56
N ALA B 265 -14.89 18.37 11.44
CA ALA B 265 -14.78 17.34 10.39
C ALA B 265 -15.97 16.40 10.24
N LEU B 266 -16.61 16.05 11.35
CA LEU B 266 -17.72 15.12 11.28
C LEU B 266 -19.00 15.72 10.77
N LYS B 267 -19.21 17.03 10.93
CA LYS B 267 -20.50 17.57 10.46
C LYS B 267 -20.80 17.24 9.03
N THR B 268 -19.74 17.18 8.23
CA THR B 268 -19.87 16.98 6.81
C THR B 268 -19.33 15.64 6.26
N ALA B 269 -18.79 14.81 7.14
CA ALA B 269 -18.16 13.59 6.71
C ALA B 269 -18.97 12.33 6.79
N LEU B 270 -20.04 12.36 7.58
CA LEU B 270 -20.89 11.17 7.76
C LEU B 270 -21.79 10.99 6.59
N VAL B 271 -22.03 9.73 6.27
CA VAL B 271 -22.88 9.32 5.17
C VAL B 271 -24.28 9.00 5.73
N LEU B 272 -25.27 9.85 5.38
CA LEU B 272 -26.65 9.65 5.84
C LEU B 272 -27.69 9.31 4.73
N PRO C 5 -36.88 -24.48 -6.74
CA PRO C 5 -36.65 -23.61 -7.93
C PRO C 5 -35.35 -22.79 -7.85
N LYS C 6 -34.27 -23.34 -8.42
CA LYS C 6 -32.96 -22.66 -8.44
C LYS C 6 -33.10 -21.16 -8.78
N GLU C 7 -32.51 -20.30 -7.95
CA GLU C 7 -32.55 -18.86 -8.19
C GLU C 7 -31.35 -18.51 -9.06
N LYS C 8 -31.61 -17.79 -10.15
CA LYS C 8 -30.62 -17.45 -11.15
C LYS C 8 -30.73 -16.01 -11.61
N ALA C 9 -29.65 -15.50 -12.19
CA ALA C 9 -29.64 -14.18 -12.78
C ALA C 9 -28.43 -14.18 -13.68
N SER C 10 -28.53 -13.48 -14.80
CA SER C 10 -27.41 -13.43 -15.72
C SER C 10 -26.77 -12.06 -15.54
N ILE C 11 -27.53 -11.11 -15.02
CA ILE C 11 -27.07 -9.76 -14.84
C ILE C 11 -26.95 -9.36 -13.37
N GLY C 12 -25.79 -8.84 -13.01
CA GLY C 12 -25.56 -8.36 -11.65
C GLY C 12 -25.36 -6.84 -11.68
N ILE C 13 -25.99 -6.12 -10.75
CA ILE C 13 -25.90 -4.67 -10.59
C ILE C 13 -25.32 -4.39 -9.18
N ILE C 14 -24.17 -3.76 -9.12
CA ILE C 14 -23.57 -3.43 -7.83
C ILE C 14 -23.48 -1.95 -7.74
N GLY C 15 -24.25 -1.36 -6.86
CA GLY C 15 -24.18 0.07 -6.76
C GLY C 15 -24.72 0.49 -5.43
N GLY C 16 -25.43 1.60 -5.43
CA GLY C 16 -26.01 2.11 -4.20
C GLY C 16 -27.43 1.60 -4.11
N SER C 17 -28.04 1.82 -2.97
CA SER C 17 -29.41 1.38 -2.83
C SER C 17 -30.21 2.34 -3.70
N GLY C 18 -31.44 1.99 -4.02
CA GLY C 18 -32.19 2.91 -4.85
C GLY C 18 -32.23 2.41 -6.27
N LEU C 19 -31.05 2.21 -6.87
CA LEU C 19 -30.95 1.69 -8.24
C LEU C 19 -32.10 0.71 -8.42
N TYR C 20 -32.30 -0.10 -7.40
CA TYR C 20 -33.37 -1.04 -7.45
C TYR C 20 -34.67 -0.25 -7.40
N ASP C 21 -35.51 -0.40 -8.42
CA ASP C 21 -36.77 0.31 -8.44
C ASP C 21 -37.98 -0.62 -8.33
N PRO C 22 -38.57 -0.69 -7.12
CA PRO C 22 -39.73 -1.49 -6.73
C PRO C 22 -40.64 -1.97 -7.87
N GLN C 23 -41.51 -1.11 -8.38
CA GLN C 23 -42.38 -1.52 -9.50
C GLN C 23 -41.91 -0.98 -10.85
N ILE C 24 -40.92 -1.70 -11.34
CA ILE C 24 -40.23 -1.48 -12.60
C ILE C 24 -39.71 -2.90 -12.87
N LEU C 25 -39.35 -3.61 -11.80
CA LEU C 25 -38.84 -4.96 -11.79
C LEU C 25 -39.97 -5.87 -11.57
N THR C 26 -40.08 -6.86 -12.41
CA THR C 26 -41.19 -7.63 -12.04
C THR C 26 -41.21 -8.87 -11.24
N ASN C 27 -40.18 -9.64 -11.09
CA ASN C 27 -40.64 -10.68 -10.27
C ASN C 27 -39.83 -10.82 -9.04
N VAL C 28 -39.61 -9.63 -8.48
CA VAL C 28 -38.82 -9.36 -7.29
C VAL C 28 -38.92 -10.27 -6.08
N LYS C 29 -37.77 -10.70 -5.58
CA LYS C 29 -37.65 -11.63 -4.48
C LYS C 29 -36.27 -11.41 -3.82
N GLU C 30 -36.23 -11.37 -2.50
CA GLU C 30 -35.00 -11.13 -1.79
C GLU C 30 -34.37 -12.44 -1.31
N ILE C 31 -33.08 -12.61 -1.52
CA ILE C 31 -32.44 -13.81 -1.05
C ILE C 31 -31.15 -13.59 -0.33
N LYS C 32 -30.85 -14.49 0.58
CA LYS C 32 -29.64 -14.36 1.32
C LYS C 32 -28.74 -15.47 0.83
N VAL C 33 -27.48 -15.16 0.48
CA VAL C 33 -26.65 -16.28 0.06
C VAL C 33 -25.39 -16.40 0.86
N TYR C 34 -25.08 -17.64 1.27
CA TYR C 34 -23.91 -17.93 2.07
C TYR C 34 -22.76 -18.32 1.16
N THR C 35 -21.59 -17.82 1.47
CA THR C 35 -20.46 -18.09 0.60
C THR C 35 -19.31 -18.58 1.41
N PRO C 36 -18.30 -19.14 0.73
CA PRO C 36 -17.10 -19.64 1.42
C PRO C 36 -16.35 -18.47 2.12
N TYR C 37 -16.74 -17.22 1.87
CA TYR C 37 -16.09 -16.06 2.47
C TYR C 37 -16.96 -15.32 3.42
N GLY C 38 -18.10 -15.90 3.83
CA GLY C 38 -18.93 -15.16 4.75
C GLY C 38 -20.08 -14.52 4.00
N GLU C 39 -20.65 -13.50 4.56
CA GLU C 39 -21.78 -12.97 3.87
C GLU C 39 -21.55 -11.70 3.07
N PRO C 40 -22.32 -11.56 1.97
CA PRO C 40 -22.34 -10.43 1.02
C PRO C 40 -22.75 -9.19 1.79
N SER C 41 -22.49 -8.01 1.24
CA SER C 41 -22.86 -6.76 1.93
C SER C 41 -24.34 -6.74 2.28
N ASP C 42 -25.17 -7.56 1.67
CA ASP C 42 -26.60 -7.51 2.00
C ASP C 42 -27.30 -8.64 1.28
N ASN C 43 -28.59 -8.80 1.54
CA ASN C 43 -29.34 -9.77 0.80
C ASN C 43 -29.34 -9.32 -0.64
N ILE C 44 -29.49 -10.27 -1.56
CA ILE C 44 -29.48 -9.89 -2.95
C ILE C 44 -30.92 -9.80 -3.39
N ILE C 45 -31.19 -8.85 -4.27
CA ILE C 45 -32.53 -8.68 -4.71
C ILE C 45 -32.55 -9.07 -6.14
N LEU C 46 -33.35 -10.11 -6.39
CA LEU C 46 -33.58 -10.72 -7.68
C LEU C 46 -34.84 -10.11 -8.29
N GLY C 47 -34.78 -9.81 -9.59
CA GLY C 47 -35.91 -9.23 -10.28
C GLY C 47 -35.83 -9.45 -11.77
N GLU C 48 -36.94 -9.19 -12.44
CA GLU C 48 -36.99 -9.36 -13.88
C GLU C 48 -37.24 -8.03 -14.55
N LEU C 49 -36.59 -7.88 -15.68
CA LEU C 49 -36.72 -6.69 -16.48
C LEU C 49 -36.78 -7.18 -17.90
N GLU C 50 -37.99 -7.16 -18.47
CA GLU C 50 -38.21 -7.61 -19.85
C GLU C 50 -37.64 -8.99 -20.05
N GLY C 51 -37.97 -9.89 -19.14
CA GLY C 51 -37.48 -11.26 -19.27
C GLY C 51 -35.99 -11.46 -18.98
N ARG C 52 -35.38 -10.41 -18.45
CA ARG C 52 -33.99 -10.54 -18.12
C ARG C 52 -33.95 -10.70 -16.58
N LYS C 53 -33.32 -11.77 -16.12
CA LYS C 53 -33.17 -12.02 -14.69
C LYS C 53 -31.96 -11.20 -14.19
N VAL C 54 -32.22 -10.30 -13.25
CA VAL C 54 -31.24 -9.39 -12.71
C VAL C 54 -31.04 -9.52 -11.17
N ALA C 55 -29.80 -9.32 -10.70
CA ALA C 55 -29.52 -9.42 -9.26
C ALA C 55 -28.95 -8.09 -8.78
N PHE C 56 -29.53 -7.48 -7.75
CA PHE C 56 -28.99 -6.20 -7.27
C PHE C 56 -28.30 -6.46 -5.96
N LEU C 57 -27.11 -5.89 -5.83
CA LEU C 57 -26.35 -6.06 -4.63
C LEU C 57 -25.68 -4.74 -4.26
N PRO C 58 -26.23 -3.99 -3.30
CA PRO C 58 -25.62 -2.72 -2.89
C PRO C 58 -24.32 -3.03 -2.11
N ARG C 59 -23.16 -2.66 -2.68
CA ARG C 59 -21.91 -2.99 -2.00
C ARG C 59 -21.73 -2.42 -0.60
N HIS C 60 -22.38 -1.31 -0.27
CA HIS C 60 -22.22 -0.76 1.07
C HIS C 60 -23.33 -1.25 2.00
N GLY C 61 -24.27 -2.02 1.46
CA GLY C 61 -25.36 -2.45 2.33
C GLY C 61 -26.51 -1.47 2.21
N ARG C 62 -27.73 -1.90 2.40
CA ARG C 62 -28.86 -0.97 2.26
C ARG C 62 -28.77 0.33 3.01
N GLY C 63 -28.40 0.35 4.27
CA GLY C 63 -28.31 1.68 4.86
C GLY C 63 -26.88 2.29 4.74
N HIS C 64 -26.09 1.82 3.79
CA HIS C 64 -24.74 2.32 3.66
C HIS C 64 -23.98 2.29 5.01
N ARG C 65 -23.91 1.12 5.63
CA ARG C 65 -23.26 0.91 6.91
C ARG C 65 -21.85 0.31 6.78
N ILE C 66 -21.46 -0.06 5.57
CA ILE C 66 -20.15 -0.67 5.36
C ILE C 66 -19.21 0.24 4.55
N PRO C 67 -18.09 0.65 5.14
CA PRO C 67 -17.17 1.51 4.40
C PRO C 67 -16.40 0.69 3.37
N PRO C 68 -15.83 1.38 2.38
CA PRO C 68 -15.06 0.77 1.29
C PRO C 68 -14.07 -0.30 1.70
N HIS C 69 -13.29 -0.03 2.73
CA HIS C 69 -12.23 -0.98 3.19
C HIS C 69 -12.76 -2.18 3.96
N LYS C 70 -14.05 -2.18 4.32
CA LYS C 70 -14.62 -3.34 5.06
C LYS C 70 -15.59 -4.20 4.23
N ILE C 71 -15.78 -3.84 2.95
CA ILE C 71 -16.68 -4.57 2.08
C ILE C 71 -16.18 -6.00 1.82
N ASN C 72 -17.07 -6.96 1.93
CA ASN C 72 -16.64 -8.33 1.73
C ASN C 72 -16.69 -8.55 0.22
N TYR C 73 -15.65 -8.06 -0.47
CA TYR C 73 -15.62 -8.16 -1.91
C TYR C 73 -15.67 -9.60 -2.41
N ARG C 74 -14.95 -10.50 -1.76
CA ARG C 74 -15.01 -11.87 -2.24
C ARG C 74 -16.45 -12.48 -2.13
N ALA C 75 -17.14 -12.20 -1.02
CA ALA C 75 -18.42 -12.77 -0.81
C ALA C 75 -19.38 -12.21 -1.90
N ASN C 76 -19.26 -10.90 -2.17
CA ASN C 76 -20.16 -10.29 -3.15
C ASN C 76 -20.02 -10.87 -4.53
N ILE C 77 -18.78 -10.98 -4.99
CA ILE C 77 -18.55 -11.49 -6.32
C ILE C 77 -18.83 -12.98 -6.38
N TRP C 78 -18.45 -13.71 -5.34
CA TRP C 78 -18.72 -15.15 -5.33
C TRP C 78 -20.28 -15.38 -5.37
N ALA C 79 -21.00 -14.58 -4.60
CA ALA C 79 -22.47 -14.73 -4.58
C ALA C 79 -23.05 -14.47 -5.97
N LEU C 80 -22.64 -13.37 -6.63
CA LEU C 80 -23.17 -13.12 -8.00
C LEU C 80 -22.83 -14.29 -8.95
N LYS C 81 -21.59 -14.78 -8.89
CA LYS C 81 -21.18 -15.88 -9.75
C LYS C 81 -22.04 -17.14 -9.50
N SER C 82 -22.29 -17.46 -8.23
CA SER C 82 -23.04 -18.64 -7.88
C SER C 82 -24.48 -18.57 -8.39
N LEU C 83 -24.98 -17.37 -8.70
CA LEU C 83 -26.32 -17.23 -9.21
C LEU C 83 -26.30 -17.33 -10.74
N GLY C 84 -25.12 -17.44 -11.35
CA GLY C 84 -25.07 -17.53 -12.80
C GLY C 84 -24.84 -16.18 -13.50
N VAL C 85 -24.51 -15.14 -12.74
CA VAL C 85 -24.29 -13.84 -13.33
C VAL C 85 -23.12 -13.81 -14.35
N LYS C 86 -23.38 -13.18 -15.49
CA LYS C 86 -22.36 -13.07 -16.50
C LYS C 86 -21.95 -11.61 -16.72
N TRP C 87 -22.92 -10.71 -16.61
CA TRP C 87 -22.65 -9.31 -16.77
C TRP C 87 -22.73 -8.64 -15.40
N VAL C 88 -21.79 -7.76 -15.13
CA VAL C 88 -21.82 -7.02 -13.88
C VAL C 88 -21.63 -5.55 -14.14
N ILE C 89 -22.66 -4.76 -13.84
CA ILE C 89 -22.57 -3.35 -14.06
C ILE C 89 -22.36 -2.76 -12.68
N ALA C 90 -21.20 -2.16 -12.50
CA ALA C 90 -20.87 -1.54 -11.23
C ALA C 90 -21.12 -0.04 -11.34
N VAL C 91 -21.81 0.54 -10.37
CA VAL C 91 -22.09 1.97 -10.39
C VAL C 91 -21.41 2.54 -9.17
N SER C 92 -20.66 3.63 -9.32
CA SER C 92 -19.92 4.19 -8.18
C SER C 92 -19.80 5.70 -8.26
N ALA C 93 -19.84 6.36 -7.12
CA ALA C 93 -19.68 7.80 -7.11
C ALA C 93 -18.19 8.00 -7.31
N VAL C 94 -17.76 8.99 -8.10
CA VAL C 94 -16.33 9.26 -8.23
C VAL C 94 -16.01 10.75 -8.28
N GLY C 95 -14.79 11.09 -7.84
CA GLY C 95 -14.29 12.45 -7.90
C GLY C 95 -13.54 12.61 -9.24
N SER C 96 -13.59 13.80 -9.81
CA SER C 96 -12.92 14.06 -11.07
C SER C 96 -11.61 14.74 -10.82
N LEU C 97 -10.62 14.36 -11.61
CA LEU C 97 -9.30 14.96 -11.56
C LEU C 97 -8.99 15.85 -12.78
N ARG C 98 -10.00 16.18 -13.58
CA ARG C 98 -9.81 17.06 -14.77
C ARG C 98 -11.04 17.99 -14.96
N LEU C 99 -10.78 19.28 -15.20
CA LEU C 99 -11.87 20.26 -15.28
C LEU C 99 -12.94 19.90 -16.32
N ASP C 100 -12.57 19.14 -17.35
CA ASP C 100 -13.58 18.75 -18.33
C ASP C 100 -14.45 17.53 -17.96
N TYR C 101 -14.13 16.80 -16.89
CA TYR C 101 -15.06 15.75 -16.44
C TYR C 101 -15.77 16.48 -15.27
N LYS C 102 -17.03 16.85 -15.50
CA LYS C 102 -17.75 17.66 -14.52
C LYS C 102 -18.76 16.94 -13.66
N PRO C 103 -19.04 17.53 -12.48
CA PRO C 103 -20.01 16.96 -11.55
C PRO C 103 -21.28 16.76 -12.39
N GLY C 104 -21.88 15.58 -12.28
CA GLY C 104 -23.07 15.32 -13.08
C GLY C 104 -22.76 14.47 -14.28
N ASP C 105 -21.53 14.56 -14.85
CA ASP C 105 -21.17 13.72 -16.01
C ASP C 105 -20.92 12.29 -15.58
N PHE C 106 -20.99 11.35 -16.48
CA PHE C 106 -20.73 9.97 -16.09
C PHE C 106 -19.40 9.64 -16.76
N VAL C 107 -18.79 8.52 -16.37
CA VAL C 107 -17.56 8.11 -16.97
C VAL C 107 -17.53 6.62 -16.95
N VAL C 108 -17.10 6.05 -18.06
CA VAL C 108 -16.99 4.63 -18.20
C VAL C 108 -15.53 4.46 -18.47
N PRO C 109 -14.77 4.24 -17.40
CA PRO C 109 -13.32 4.07 -17.49
C PRO C 109 -12.90 2.83 -18.22
N ASN C 110 -11.71 2.91 -18.78
CA ASN C 110 -11.13 1.81 -19.47
C ASN C 110 -9.83 1.36 -18.76
N GLN C 111 -9.42 2.11 -17.74
CA GLN C 111 -8.22 1.74 -16.98
C GLN C 111 -8.31 2.06 -15.46
N PHE C 112 -7.37 1.51 -14.69
CA PHE C 112 -7.38 1.91 -13.30
C PHE C 112 -5.97 1.80 -12.76
N ILE C 113 -5.72 2.53 -11.67
CA ILE C 113 -4.45 2.46 -10.99
C ILE C 113 -4.83 2.21 -9.55
N ASP C 114 -4.32 1.12 -8.99
CA ASP C 114 -4.65 0.67 -7.64
C ASP C 114 -3.73 1.24 -6.58
N MET C 115 -4.25 2.10 -5.71
CA MET C 115 -3.43 2.64 -4.63
C MET C 115 -3.99 2.21 -3.29
N THR C 116 -4.81 1.16 -3.24
CA THR C 116 -5.34 0.69 -1.96
C THR C 116 -4.20 0.00 -1.17
N LYS C 117 -4.45 -0.33 0.10
CA LYS C 117 -3.35 -0.88 0.93
C LYS C 117 -3.63 -2.11 1.77
N GLY C 118 -4.79 -2.40 2.28
CA GLY C 118 -4.78 -3.66 3.02
C GLY C 118 -5.93 -4.62 2.73
N ARG C 119 -6.43 -4.61 1.51
CA ARG C 119 -7.55 -5.45 1.20
C ARG C 119 -7.12 -6.83 0.75
N THR C 120 -8.08 -7.70 0.43
CA THR C 120 -7.76 -9.04 -0.07
C THR C 120 -7.96 -8.91 -1.59
N TYR C 121 -6.92 -9.13 -2.36
CA TYR C 121 -6.95 -8.93 -3.79
C TYR C 121 -7.31 -10.04 -4.72
N THR C 122 -7.52 -11.24 -4.20
CA THR C 122 -7.72 -12.37 -5.09
C THR C 122 -8.51 -13.49 -4.40
N PHE C 123 -8.99 -14.47 -5.20
CA PHE C 123 -9.68 -15.65 -4.72
C PHE C 123 -8.59 -16.74 -4.64
N PHE C 124 -7.44 -16.48 -5.26
CA PHE C 124 -6.40 -17.52 -5.29
C PHE C 124 -5.25 -17.43 -4.29
N ASP C 125 -5.48 -17.98 -3.12
CA ASP C 125 -4.47 -17.96 -2.10
C ASP C 125 -3.65 -19.21 -2.03
N GLY C 126 -3.89 -20.15 -2.93
CA GLY C 126 -3.16 -21.41 -2.84
C GLY C 126 -4.23 -22.45 -2.49
N PRO C 127 -4.05 -23.72 -2.86
CA PRO C 127 -2.89 -24.25 -3.62
C PRO C 127 -2.87 -24.04 -5.13
N THR C 128 -3.92 -23.47 -5.68
CA THR C 128 -3.94 -23.20 -7.08
C THR C 128 -3.47 -21.74 -7.20
N VAL C 129 -2.39 -21.51 -7.94
CA VAL C 129 -1.88 -20.18 -8.11
C VAL C 129 -2.32 -19.67 -9.47
N ALA C 130 -2.92 -18.48 -9.46
CA ALA C 130 -3.36 -17.90 -10.72
C ALA C 130 -2.98 -16.42 -10.80
N HIS C 131 -2.64 -15.98 -12.00
CA HIS C 131 -2.20 -14.61 -12.25
C HIS C 131 -2.92 -14.11 -13.43
N VAL C 132 -4.11 -13.61 -13.16
CA VAL C 132 -4.99 -13.08 -14.23
C VAL C 132 -4.42 -11.84 -14.93
N SER C 133 -4.54 -11.80 -16.24
CA SER C 133 -4.06 -10.66 -17.01
C SER C 133 -5.09 -9.52 -16.96
N MET C 134 -4.66 -8.29 -16.73
CA MET C 134 -5.61 -7.16 -16.63
C MET C 134 -5.20 -5.86 -17.34
N ALA C 135 -4.45 -6.05 -18.44
CA ALA C 135 -3.94 -4.99 -19.27
C ALA C 135 -5.11 -4.07 -19.63
N ASP C 136 -6.24 -4.69 -19.98
CA ASP C 136 -7.50 -4.03 -20.31
C ASP C 136 -8.41 -4.66 -19.26
N PRO C 137 -8.45 -4.06 -18.06
CA PRO C 137 -9.25 -4.59 -16.97
C PRO C 137 -10.74 -4.68 -17.10
N PHE C 138 -11.37 -3.85 -17.91
CA PHE C 138 -12.82 -3.94 -18.01
C PHE C 138 -13.33 -4.74 -19.25
N CYS C 139 -14.63 -5.03 -19.25
CA CYS C 139 -15.25 -5.79 -20.33
C CYS C 139 -15.68 -4.85 -21.46
N GLU C 140 -14.95 -4.91 -22.58
CA GLU C 140 -15.30 -3.99 -23.67
C GLU C 140 -16.74 -4.08 -24.21
N HIS C 141 -17.27 -5.31 -24.26
CA HIS C 141 -18.61 -5.52 -24.76
C HIS C 141 -19.57 -4.69 -23.93
N LEU C 142 -19.45 -4.82 -22.62
CA LEU C 142 -20.33 -4.07 -21.75
C LEU C 142 -20.08 -2.56 -21.83
N ARG C 143 -18.81 -2.15 -21.90
CA ARG C 143 -18.49 -0.71 -21.97
C ARG C 143 -19.15 -0.07 -23.19
N SER C 144 -19.03 -0.70 -24.37
CA SER C 144 -19.67 -0.10 -25.55
C SER C 144 -21.18 -0.09 -25.48
N ILE C 145 -21.81 -1.11 -24.89
CA ILE C 145 -23.26 -1.05 -24.84
C ILE C 145 -23.67 0.08 -23.92
N ILE C 146 -22.94 0.23 -22.82
CA ILE C 146 -23.25 1.32 -21.88
C ILE C 146 -23.05 2.64 -22.62
N LEU C 147 -21.95 2.76 -23.37
CA LEU C 147 -21.77 4.03 -24.07
C LEU C 147 -22.83 4.25 -25.14
N ASP C 148 -23.21 3.19 -25.90
CA ASP C 148 -24.26 3.33 -26.93
C ASP C 148 -25.53 3.82 -26.26
N SER C 149 -25.92 3.19 -25.15
CA SER C 149 -27.14 3.59 -24.45
C SER C 149 -27.04 5.01 -23.92
N ALA C 150 -25.87 5.39 -23.44
CA ALA C 150 -25.74 6.73 -22.93
C ALA C 150 -26.02 7.79 -24.02
N LYS C 151 -25.41 7.52 -25.18
CA LYS C 151 -25.53 8.38 -26.37
C LYS C 151 -27.03 8.44 -26.76
N ASP C 152 -27.71 7.28 -26.89
CA ASP C 152 -29.10 7.34 -27.27
C ASP C 152 -29.91 8.13 -26.27
N LEU C 153 -29.59 8.03 -24.97
CA LEU C 153 -30.35 8.77 -24.01
C LEU C 153 -29.89 10.19 -23.90
N GLY C 154 -28.80 10.53 -24.55
CA GLY C 154 -28.36 11.91 -24.40
C GLY C 154 -27.74 12.21 -23.03
N ILE C 155 -27.19 11.18 -22.37
CA ILE C 155 -26.56 11.41 -21.05
C ILE C 155 -25.04 11.59 -21.22
N THR C 156 -24.52 12.74 -20.81
CA THR C 156 -23.09 13.01 -20.96
C THR C 156 -22.27 11.92 -20.26
N THR C 157 -21.47 11.21 -21.05
CA THR C 157 -20.71 10.09 -20.56
C THR C 157 -19.36 10.02 -21.27
N HIS C 158 -18.27 10.27 -20.57
CA HIS C 158 -16.96 10.22 -21.21
C HIS C 158 -16.66 8.77 -21.44
N ASP C 159 -16.17 8.49 -22.65
CA ASP C 159 -15.94 7.13 -23.06
C ASP C 159 -14.62 6.46 -22.73
N LYS C 160 -13.84 7.05 -21.81
CA LYS C 160 -12.59 6.45 -21.41
C LYS C 160 -12.21 7.07 -20.10
N GLY C 161 -11.17 6.55 -19.46
CA GLY C 161 -10.75 7.15 -18.21
C GLY C 161 -9.92 6.25 -17.35
N THR C 162 -8.97 6.84 -16.63
CA THR C 162 -8.18 6.05 -15.71
C THR C 162 -8.67 6.36 -14.30
N TYR C 163 -9.17 5.32 -13.63
CA TYR C 163 -9.75 5.43 -12.27
C TYR C 163 -8.66 5.07 -11.27
N ILE C 164 -8.23 6.03 -10.42
CA ILE C 164 -7.25 5.70 -9.41
C ILE C 164 -8.03 5.38 -8.16
N CYS C 165 -7.76 4.20 -7.57
CA CYS C 165 -8.48 3.74 -6.38
C CYS C 165 -7.65 3.94 -5.16
N ILE C 166 -8.16 4.75 -4.23
CA ILE C 166 -7.41 4.96 -2.99
C ILE C 166 -8.03 4.16 -1.85
N GLU C 167 -7.27 3.97 -0.76
CA GLU C 167 -7.71 3.20 0.39
C GLU C 167 -8.84 3.85 1.15
N GLY C 168 -8.73 5.15 1.39
CA GLY C 168 -9.76 5.83 2.18
C GLY C 168 -9.79 5.25 3.61
N PRO C 169 -10.82 5.49 4.40
CA PRO C 169 -11.99 6.28 4.06
C PRO C 169 -11.75 7.79 3.93
N ARG C 170 -10.68 8.32 4.51
CA ARG C 170 -10.42 9.74 4.41
C ARG C 170 -10.19 10.09 2.93
N PHE C 171 -10.48 11.33 2.53
CA PHE C 171 -10.26 11.79 1.19
C PHE C 171 -8.80 12.22 1.04
N SER C 172 -8.38 12.34 -0.20
CA SER C 172 -7.03 12.77 -0.50
C SER C 172 -6.65 14.13 0.05
N THR C 173 -5.34 14.21 0.26
CA THR C 173 -4.62 15.35 0.70
C THR C 173 -4.40 16.11 -0.63
N ARG C 174 -4.28 17.44 -0.54
CA ARG C 174 -4.03 18.19 -1.76
C ARG C 174 -2.72 17.73 -2.45
N ALA C 175 -1.66 17.44 -1.67
CA ALA C 175 -0.44 16.95 -2.34
C ALA C 175 -0.67 15.59 -2.99
N GLU C 176 -1.54 14.77 -2.41
CA GLU C 176 -1.78 13.47 -3.05
C GLU C 176 -2.52 13.65 -4.35
N SER C 177 -3.48 14.54 -4.29
CA SER C 177 -4.31 14.77 -5.41
C SER C 177 -3.53 15.38 -6.60
N ILE C 178 -2.58 16.27 -6.31
CA ILE C 178 -1.76 16.85 -7.34
C ILE C 178 -0.96 15.67 -7.96
N VAL C 179 -0.49 14.75 -7.13
CA VAL C 179 0.22 13.61 -7.68
C VAL C 179 -0.69 12.70 -8.53
N TRP C 180 -1.92 12.45 -8.07
CA TRP C 180 -2.78 11.53 -8.84
C TRP C 180 -3.02 12.14 -10.23
N LYS C 181 -3.31 13.43 -10.25
CA LYS C 181 -3.57 14.16 -11.48
C LYS C 181 -2.36 14.48 -12.35
N GLU C 182 -1.38 15.18 -11.79
CA GLU C 182 -0.25 15.53 -12.62
C GLU C 182 0.80 14.48 -12.87
N VAL C 183 0.92 13.50 -11.99
CA VAL C 183 1.96 12.54 -12.16
C VAL C 183 1.41 11.24 -12.67
N PHE C 184 0.47 10.66 -11.96
CA PHE C 184 -0.11 9.44 -12.38
C PHE C 184 -0.98 9.68 -13.59
N LYS C 185 -1.48 10.89 -13.76
CA LYS C 185 -2.40 11.17 -14.88
C LYS C 185 -3.73 10.44 -14.80
N ALA C 186 -4.17 10.10 -13.58
CA ALA C 186 -5.47 9.46 -13.41
C ALA C 186 -6.58 10.52 -13.81
N ASP C 187 -7.79 10.05 -14.16
CA ASP C 187 -8.90 10.93 -14.58
C ASP C 187 -9.99 11.08 -13.56
N ILE C 188 -10.28 9.99 -12.85
CA ILE C 188 -11.28 10.00 -11.82
C ILE C 188 -10.76 9.22 -10.60
N ILE C 189 -11.39 9.47 -9.46
CA ILE C 189 -10.93 8.83 -8.25
C ILE C 189 -12.05 8.32 -7.36
N GLY C 190 -11.81 7.15 -6.77
CA GLY C 190 -12.79 6.52 -5.88
C GLY C 190 -12.13 5.54 -4.90
N MET C 191 -12.95 4.74 -4.21
CA MET C 191 -12.44 3.85 -3.16
C MET C 191 -12.89 2.39 -3.20
N THR C 192 -13.84 2.08 -4.08
CA THR C 192 -14.40 0.74 -4.09
C THR C 192 -14.11 -0.09 -5.29
N LEU C 193 -13.45 0.47 -6.28
CA LEU C 193 -13.19 -0.31 -7.49
C LEU C 193 -12.37 -1.61 -7.29
N VAL C 194 -11.25 -1.46 -6.56
CA VAL C 194 -10.37 -2.58 -6.31
C VAL C 194 -10.67 -3.04 -4.89
N PRO C 195 -10.72 -4.35 -4.65
CA PRO C 195 -10.55 -5.51 -5.51
C PRO C 195 -11.79 -6.03 -6.24
N GLU C 196 -12.89 -5.28 -6.19
CA GLU C 196 -14.13 -5.70 -6.89
C GLU C 196 -13.81 -6.07 -8.37
N VAL C 197 -13.08 -5.21 -9.06
CA VAL C 197 -12.77 -5.51 -10.44
C VAL C 197 -11.81 -6.71 -10.61
N ASN C 198 -10.88 -6.92 -9.68
CA ASN C 198 -9.90 -8.04 -9.76
C ASN C 198 -10.67 -9.33 -9.61
N LEU C 199 -11.59 -9.31 -8.65
CA LEU C 199 -12.35 -10.50 -8.32
C LEU C 199 -13.32 -10.83 -9.41
N ALA C 200 -13.95 -9.81 -9.98
CA ALA C 200 -14.89 -10.11 -11.04
C ALA C 200 -14.13 -10.75 -12.19
N CYS C 201 -12.92 -10.27 -12.45
CA CYS C 201 -12.15 -10.79 -13.54
C CYS C 201 -11.74 -12.24 -13.25
N GLU C 202 -11.32 -12.52 -12.03
CA GLU C 202 -10.92 -13.88 -11.74
C GLU C 202 -12.13 -14.83 -11.79
N ALA C 203 -13.33 -14.31 -11.54
CA ALA C 203 -14.54 -15.13 -11.61
C ALA C 203 -15.01 -15.21 -13.05
N GLU C 204 -14.18 -14.68 -13.96
CA GLU C 204 -14.49 -14.68 -15.40
C GLU C 204 -15.80 -14.01 -15.77
N MET C 205 -16.10 -12.89 -15.13
CA MET C 205 -17.29 -12.15 -15.44
C MET C 205 -16.96 -10.96 -16.32
N CYS C 206 -17.97 -10.46 -17.02
CA CYS C 206 -17.82 -9.30 -17.91
C CYS C 206 -18.25 -8.13 -17.04
N TYR C 207 -17.29 -7.34 -16.60
CA TYR C 207 -17.51 -6.25 -15.62
C TYR C 207 -17.12 -4.87 -16.09
N SER C 208 -17.97 -3.90 -15.79
CA SER C 208 -17.68 -2.54 -16.18
C SER C 208 -18.31 -1.61 -15.17
N VAL C 209 -17.60 -0.53 -14.82
CA VAL C 209 -18.14 0.46 -13.89
C VAL C 209 -18.61 1.73 -14.58
N ILE C 210 -19.71 2.29 -14.06
CA ILE C 210 -20.26 3.54 -14.54
C ILE C 210 -19.83 4.45 -13.37
N GLY C 211 -18.99 5.43 -13.62
CA GLY C 211 -18.61 6.35 -12.56
C GLY C 211 -19.46 7.63 -12.65
N MET C 212 -20.11 7.99 -11.56
CA MET C 212 -20.88 9.21 -11.56
C MET C 212 -20.03 10.28 -10.89
N VAL C 213 -19.59 11.26 -11.67
CA VAL C 213 -18.81 12.34 -11.13
C VAL C 213 -19.65 13.13 -10.15
N THR C 214 -19.07 13.29 -8.98
CA THR C 214 -19.74 13.94 -7.89
C THR C 214 -19.17 15.32 -7.53
N ASP C 215 -17.89 15.49 -7.77
CA ASP C 215 -17.20 16.66 -7.30
C ASP C 215 -15.85 16.66 -7.99
N TYR C 216 -15.16 17.79 -7.94
CA TYR C 216 -13.79 17.85 -8.42
C TYR C 216 -13.12 17.35 -7.14
N ASP C 217 -11.94 16.82 -7.19
CA ASP C 217 -11.39 16.28 -5.96
C ASP C 217 -11.01 17.41 -5.00
N VAL C 218 -9.78 17.89 -5.08
CA VAL C 218 -9.35 18.94 -4.18
C VAL C 218 -9.32 20.32 -4.87
N PHE C 219 -9.04 20.38 -6.18
CA PHE C 219 -8.98 21.67 -6.87
C PHE C 219 -10.34 22.05 -7.31
N ALA C 220 -11.02 22.85 -6.50
CA ALA C 220 -12.38 23.28 -6.77
C ALA C 220 -12.69 24.35 -5.76
N ASP C 221 -13.75 25.08 -5.98
CA ASP C 221 -14.13 26.14 -5.04
C ASP C 221 -13.90 25.63 -3.60
N ILE C 222 -14.80 24.75 -3.18
CA ILE C 222 -14.76 24.15 -1.87
C ILE C 222 -14.36 22.67 -2.10
N PRO C 223 -13.34 22.15 -1.38
CA PRO C 223 -12.92 20.74 -1.55
C PRO C 223 -14.07 19.71 -1.41
N VAL C 224 -13.85 18.48 -1.92
CA VAL C 224 -14.84 17.40 -1.85
C VAL C 224 -15.22 17.09 -0.41
N THR C 225 -16.50 16.84 -0.22
CA THR C 225 -17.05 16.53 1.08
C THR C 225 -17.93 15.28 0.92
N ALA C 226 -18.15 14.53 2.01
CA ALA C 226 -18.99 13.32 1.94
C ALA C 226 -20.44 13.74 1.68
N GLU C 227 -20.81 14.85 2.30
CA GLU C 227 -22.15 15.41 2.17
C GLU C 227 -22.41 15.83 0.70
N GLU C 228 -21.40 16.47 0.09
CA GLU C 228 -21.47 16.92 -1.31
C GLU C 228 -21.66 15.76 -2.31
N VAL C 229 -20.98 14.63 -2.03
CA VAL C 229 -21.06 13.40 -2.85
C VAL C 229 -22.52 12.87 -2.78
N THR C 230 -23.02 12.73 -1.57
CA THR C 230 -24.39 12.29 -1.34
C THR C 230 -25.38 13.25 -2.05
N LYS C 231 -25.10 14.56 -2.03
CA LYS C 231 -25.97 15.57 -2.66
C LYS C 231 -26.07 15.45 -4.17
N VAL C 232 -24.91 15.47 -4.84
CA VAL C 232 -24.89 15.41 -6.31
C VAL C 232 -25.35 14.03 -6.78
N MET C 233 -25.08 13.03 -5.94
CA MET C 233 -25.44 11.65 -6.24
C MET C 233 -26.95 11.49 -6.50
N ALA C 234 -27.75 12.02 -5.57
CA ALA C 234 -29.20 11.91 -5.63
C ALA C 234 -29.69 12.60 -6.89
N GLU C 235 -29.10 13.74 -7.13
CA GLU C 235 -29.45 14.51 -8.30
C GLU C 235 -29.22 13.78 -9.61
N ASN C 236 -28.50 12.67 -9.57
CA ASN C 236 -28.13 11.94 -10.77
C ASN C 236 -28.48 10.46 -10.70
N THR C 237 -29.11 10.09 -9.59
CA THR C 237 -29.49 8.70 -9.37
C THR C 237 -30.54 8.40 -10.44
N ALA C 238 -31.39 9.40 -10.65
CA ALA C 238 -32.46 9.32 -11.65
C ALA C 238 -31.87 9.01 -13.03
N LYS C 239 -30.77 9.71 -13.40
CA LYS C 239 -30.07 9.48 -14.68
C LYS C 239 -29.48 8.08 -14.84
N VAL C 240 -28.88 7.56 -13.79
CA VAL C 240 -28.26 6.23 -13.90
C VAL C 240 -29.26 5.15 -13.98
N LYS C 241 -30.42 5.37 -13.35
CA LYS C 241 -31.42 4.32 -13.40
C LYS C 241 -31.90 4.22 -14.85
N LYS C 242 -32.13 5.38 -15.49
CA LYS C 242 -32.58 5.31 -16.88
C LYS C 242 -31.51 4.61 -17.72
N LEU C 243 -30.27 5.00 -17.48
CA LEU C 243 -29.18 4.45 -18.25
C LEU C 243 -29.09 2.96 -18.04
N LEU C 244 -29.18 2.61 -16.76
CA LEU C 244 -29.11 1.25 -16.30
C LEU C 244 -30.11 0.36 -16.99
N TYR C 245 -31.38 0.78 -16.95
CA TYR C 245 -32.42 -0.03 -17.54
C TYR C 245 -32.31 -0.14 -19.05
N GLU C 246 -31.87 0.95 -19.68
CA GLU C 246 -31.68 0.90 -21.10
C GLU C 246 -30.55 -0.10 -21.40
N VAL C 247 -29.48 -0.08 -20.58
CA VAL C 247 -28.40 -1.00 -20.85
C VAL C 247 -28.87 -2.42 -20.73
N ILE C 248 -29.63 -2.70 -19.67
CA ILE C 248 -30.11 -4.08 -19.47
C ILE C 248 -30.98 -4.57 -20.67
N ARG C 249 -31.91 -3.72 -21.14
CA ARG C 249 -32.77 -4.08 -22.27
C ARG C 249 -31.92 -4.56 -23.43
N ARG C 250 -30.76 -3.94 -23.65
CA ARG C 250 -29.91 -4.29 -24.77
C ARG C 250 -28.89 -5.41 -24.63
N LEU C 251 -28.71 -5.94 -23.44
CA LEU C 251 -27.70 -6.98 -23.30
C LEU C 251 -27.96 -8.33 -23.96
N PRO C 252 -26.99 -8.81 -24.74
CA PRO C 252 -27.16 -10.13 -25.38
C PRO C 252 -27.15 -11.13 -24.19
N GLU C 253 -27.57 -12.37 -24.44
CA GLU C 253 -27.60 -13.41 -23.39
C GLU C 253 -26.21 -13.59 -22.69
N LYS C 254 -25.17 -13.57 -23.49
CA LYS C 254 -23.84 -13.73 -23.01
C LYS C 254 -22.95 -12.72 -23.67
N PRO C 255 -21.92 -12.28 -22.96
CA PRO C 255 -21.02 -11.31 -23.58
C PRO C 255 -20.26 -12.08 -24.62
N ASP C 256 -19.78 -11.39 -25.65
CA ASP C 256 -19.00 -11.96 -26.75
C ASP C 256 -17.60 -12.11 -26.23
N GLU C 257 -17.08 -13.33 -26.17
CA GLU C 257 -15.74 -13.53 -25.63
C GLU C 257 -14.63 -12.70 -26.29
N ARG C 258 -14.77 -12.43 -27.59
CA ARG C 258 -13.75 -11.65 -28.31
C ARG C 258 -13.71 -10.21 -27.86
N LYS C 259 -14.73 -9.81 -27.11
CA LYS C 259 -14.83 -8.45 -26.62
C LYS C 259 -14.89 -8.45 -25.08
N CYS C 260 -14.39 -9.52 -24.47
CA CYS C 260 -14.39 -9.65 -23.01
C CYS C 260 -13.06 -10.20 -22.54
N SER C 261 -12.17 -9.30 -22.12
CA SER C 261 -10.79 -9.66 -21.67
C SER C 261 -10.66 -10.71 -20.56
N CYS C 262 -11.65 -10.80 -19.66
CA CYS C 262 -11.61 -11.74 -18.53
C CYS C 262 -12.49 -13.00 -18.69
N CYS C 263 -13.31 -13.05 -19.76
CA CYS C 263 -14.25 -14.16 -19.92
C CYS C 263 -13.62 -15.51 -20.01
N GLN C 264 -12.33 -15.52 -20.28
CA GLN C 264 -11.61 -16.78 -20.42
C GLN C 264 -10.27 -16.61 -19.70
N ALA C 265 -10.29 -15.73 -18.70
CA ALA C 265 -9.13 -15.36 -17.90
C ALA C 265 -8.36 -16.54 -17.33
N LEU C 266 -9.06 -17.54 -16.82
CA LEU C 266 -8.41 -18.68 -16.24
C LEU C 266 -7.67 -19.60 -17.21
N LYS C 267 -8.14 -19.72 -18.45
CA LYS C 267 -7.44 -20.64 -19.35
C LYS C 267 -5.94 -20.40 -19.37
N THR C 268 -5.54 -19.15 -19.24
CA THR C 268 -4.16 -18.79 -19.35
C THR C 268 -3.48 -18.31 -18.05
N ALA C 269 -4.27 -18.13 -17.01
CA ALA C 269 -3.77 -17.60 -15.76
C ALA C 269 -3.20 -18.57 -14.70
N LEU C 270 -3.52 -19.85 -14.82
CA LEU C 270 -3.05 -20.83 -13.85
C LEU C 270 -1.59 -21.24 -14.07
N VAL C 271 -0.84 -21.44 -12.99
CA VAL C 271 0.52 -21.90 -13.11
C VAL C 271 0.43 -23.42 -12.92
#